data_4WC0
#
_entry.id   4WC0
#
_cell.length_a   57.710
_cell.length_b   109.060
_cell.length_c   85.090
_cell.angle_alpha   90.000
_cell.angle_beta   109.840
_cell.angle_gamma   90.000
#
_symmetry.space_group_name_H-M   'P 1 21 1'
#
loop_
_entity.id
_entity.type
_entity.pdbx_description
1 polymer 'Poly A polymerase'
2 non-polymer "ADENOSINE-5'-TRIPHOSPHATE"
3 non-polymer 'MAGNESIUM ION'
#
_entity_poly.entity_id   1
_entity_poly.type   'polypeptide(L)'
_entity_poly.pdbx_seq_one_letter_code
;MVGQIAKEMGLRAYIVGGVVRDILLGKEVWDVDFVVEGNAIELAKELARRHGVNVHPFPEFGTAHLKIGKLKLEFATARR
ETYPRPGAYPKVEPASLKEDLIRRDFTINAMAISVNLEDYGTLIDYFGGLRDLKDKVIRVLHPVSFIEDPVRILRALRFA
GRLNFKLSRSTEKLLKQAVNLGLLKEAPRGRLINEIKLALREDRFLEILELYRKYRVLEEIIEGFQWNEKVLQKLYALRK
VVDWHALEFSEERIDYGWLYLLILISNLDYERGKHFLEEMSAPSWVRETYKFMKFKLGSLKEELKKAKENYEVYRLLKPL
HTSVLLLLMLEEELKEKIKLYLEKLRKVKLPKEKIEELKKQGLKGKELGERIEELKREIMNKIKLAAALEHHHHHH
;
_entity_poly.pdbx_strand_id   A,B
#
loop_
_chem_comp.id
_chem_comp.type
_chem_comp.name
_chem_comp.formula
ATP non-polymer ADENOSINE-5'-TRIPHOSPHATE 'C10 H16 N5 O13 P3'
MG non-polymer 'MAGNESIUM ION' 'Mg 2'
#
# COMPACT_ATOMS: atom_id res chain seq x y z
N MET A 1 37.21 1.03 27.32
CA MET A 1 36.50 1.08 26.04
C MET A 1 37.47 1.28 24.89
N VAL A 2 37.78 2.55 24.61
CA VAL A 2 38.63 2.90 23.48
C VAL A 2 40.04 3.28 23.94
N GLY A 3 40.09 4.33 24.77
CA GLY A 3 41.36 4.91 25.21
C GLY A 3 42.39 3.92 25.72
N GLN A 4 41.92 2.81 26.31
CA GLN A 4 42.82 1.74 26.71
C GLN A 4 43.60 1.21 25.50
N ILE A 5 42.86 0.76 24.50
CA ILE A 5 43.45 0.20 23.29
C ILE A 5 44.24 1.26 22.53
N ALA A 6 43.75 2.49 22.55
CA ALA A 6 44.43 3.61 21.92
C ALA A 6 45.79 3.85 22.55
N LYS A 7 45.87 3.64 23.86
CA LYS A 7 47.13 3.78 24.57
C LYS A 7 48.05 2.58 24.30
N GLU A 8 47.47 1.38 24.32
CA GLU A 8 48.21 0.16 24.08
C GLU A 8 48.74 0.12 22.64
N MET A 9 47.97 0.70 21.73
CA MET A 9 48.37 0.77 20.33
C MET A 9 49.09 2.08 20.02
N GLY A 10 49.21 2.93 21.03
CA GLY A 10 49.88 4.21 20.87
C GLY A 10 49.19 5.15 19.90
N LEU A 11 47.93 4.85 19.59
CA LEU A 11 47.16 5.66 18.67
C LEU A 11 46.34 6.70 19.45
N ARG A 12 45.61 7.54 18.72
CA ARG A 12 44.77 8.54 19.39
C ARG A 12 43.37 8.57 18.81
N ALA A 13 42.36 8.26 19.62
CA ALA A 13 40.99 8.19 19.12
C ALA A 13 40.12 9.30 19.70
N TYR A 14 39.19 9.81 18.88
CA TYR A 14 38.31 10.89 19.31
C TYR A 14 36.86 10.67 18.87
N ILE A 15 35.93 10.93 19.78
CA ILE A 15 34.51 11.03 19.40
C ILE A 15 34.36 12.29 18.56
N VAL A 16 33.78 12.17 17.38
CA VAL A 16 33.80 13.28 16.44
C VAL A 16 32.45 13.57 15.78
N GLY A 17 32.18 14.85 15.53
CA GLY A 17 31.03 15.25 14.74
C GLY A 17 29.73 15.48 15.48
N GLY A 18 28.63 15.16 14.81
CA GLY A 18 27.30 15.38 15.36
C GLY A 18 27.08 14.78 16.75
N VAL A 19 27.78 13.69 17.04
CA VAL A 19 27.67 13.03 18.33
C VAL A 19 28.09 13.97 19.45
N VAL A 20 29.23 14.63 19.26
CA VAL A 20 29.77 15.59 20.22
C VAL A 20 28.81 16.75 20.46
N ARG A 21 28.30 17.30 19.37
CA ARG A 21 27.29 18.36 19.41
C ARG A 21 26.08 17.92 20.23
N ASP A 22 25.59 16.71 19.97
CA ASP A 22 24.45 16.18 20.70
C ASP A 22 24.73 16.02 22.19
N ILE A 23 25.95 15.58 22.51
CA ILE A 23 26.37 15.46 23.91
C ILE A 23 26.36 16.82 24.62
N LEU A 24 26.95 17.81 23.97
CA LEU A 24 26.96 19.17 24.50
C LEU A 24 25.55 19.72 24.66
N LEU A 25 24.65 19.29 23.78
CA LEU A 25 23.26 19.71 23.83
C LEU A 25 22.44 18.81 24.76
N GLY A 26 23.10 17.85 25.38
CA GLY A 26 22.44 16.93 26.29
C GLY A 26 21.47 16.01 25.57
N LYS A 27 21.88 15.51 24.42
CA LYS A 27 21.04 14.62 23.62
C LYS A 27 21.52 13.17 23.72
N GLU A 28 20.57 12.25 23.79
CA GLU A 28 20.86 10.83 23.85
C GLU A 28 21.19 10.29 22.46
N VAL A 29 22.37 9.69 22.33
CA VAL A 29 22.80 9.14 21.04
C VAL A 29 23.42 7.75 21.18
N TRP A 30 22.86 6.78 20.47
CA TRP A 30 23.42 5.43 20.44
C TRP A 30 24.27 5.17 19.21
N ASP A 31 24.41 6.17 18.34
CA ASP A 31 25.29 6.06 17.18
C ASP A 31 26.54 6.90 17.39
N VAL A 32 27.70 6.26 17.40
CA VAL A 32 28.95 6.96 17.72
C VAL A 32 29.97 6.91 16.57
N ASP A 33 30.47 8.08 16.22
CA ASP A 33 31.47 8.22 15.18
C ASP A 33 32.83 8.57 15.77
N PHE A 34 33.86 7.82 15.38
CA PHE A 34 35.21 8.04 15.85
C PHE A 34 36.16 8.45 14.71
N VAL A 35 37.06 9.36 15.02
CA VAL A 35 38.17 9.68 14.11
C VAL A 35 39.47 9.40 14.85
N VAL A 36 40.39 8.72 14.18
CA VAL A 36 41.61 8.26 14.82
C VAL A 36 42.87 8.73 14.10
N GLU A 37 43.83 9.23 14.87
CA GLU A 37 45.18 9.41 14.36
C GLU A 37 45.90 8.12 14.68
N GLY A 38 46.14 7.33 13.65
CA GLY A 38 46.67 6.00 13.80
C GLY A 38 46.01 5.12 12.75
N ASN A 39 46.09 3.80 12.94
CA ASN A 39 45.29 2.89 12.13
C ASN A 39 43.98 2.61 12.83
N ALA A 40 42.88 3.12 12.28
CA ALA A 40 41.58 3.01 12.92
C ALA A 40 40.95 1.63 12.72
N ILE A 41 41.28 1.01 11.60
CA ILE A 41 40.73 -0.30 11.27
C ILE A 41 41.19 -1.37 12.25
N GLU A 42 42.48 -1.39 12.55
CA GLU A 42 43.03 -2.36 13.49
C GLU A 42 42.55 -2.10 14.91
N LEU A 43 42.39 -0.82 15.24
CA LEU A 43 41.87 -0.43 16.54
C LEU A 43 40.45 -0.94 16.71
N ALA A 44 39.67 -0.80 15.64
CA ALA A 44 38.27 -1.24 15.65
C ALA A 44 38.18 -2.76 15.73
N LYS A 45 39.02 -3.45 14.95
CA LYS A 45 39.01 -4.91 14.96
C LYS A 45 39.48 -5.46 16.29
N GLU A 46 40.37 -4.75 16.96
CA GLU A 46 40.85 -5.17 18.28
C GLU A 46 39.80 -4.89 19.34
N LEU A 47 39.05 -3.80 19.16
CA LEU A 47 37.94 -3.50 20.06
C LEU A 47 36.87 -4.59 19.94
N ALA A 48 36.52 -4.92 18.71
CA ALA A 48 35.55 -5.98 18.44
C ALA A 48 36.06 -7.30 18.96
N ARG A 49 37.37 -7.52 18.85
CA ARG A 49 38.02 -8.70 19.39
C ARG A 49 37.79 -8.82 20.89
N ARG A 50 38.29 -7.84 21.65
CA ARG A 50 38.16 -7.84 23.10
C ARG A 50 36.71 -7.94 23.55
N HIS A 51 35.82 -7.19 22.89
CA HIS A 51 34.40 -7.26 23.23
C HIS A 51 33.78 -8.55 22.71
N GLY A 52 34.42 -9.16 21.72
CA GLY A 52 33.96 -10.42 21.16
C GLY A 52 32.81 -10.27 20.18
N VAL A 53 32.65 -9.07 19.63
CA VAL A 53 31.58 -8.82 18.68
C VAL A 53 32.06 -8.95 17.23
N ASN A 54 31.13 -8.78 16.29
CA ASN A 54 31.43 -8.90 14.88
C ASN A 54 31.81 -7.54 14.29
N VAL A 55 32.83 -7.53 13.44
CA VAL A 55 33.32 -6.28 12.84
C VAL A 55 33.33 -6.35 11.31
N HIS A 56 32.73 -5.34 10.69
CA HIS A 56 32.75 -5.23 9.23
C HIS A 56 33.80 -4.20 8.79
N PRO A 57 34.93 -4.69 8.25
CA PRO A 57 36.00 -3.80 7.77
C PRO A 57 35.69 -3.19 6.40
N PHE A 58 36.27 -2.02 6.15
CA PHE A 58 36.13 -1.30 4.89
C PHE A 58 37.47 -0.72 4.48
N PRO A 59 38.32 -1.54 3.84
CA PRO A 59 39.66 -1.11 3.40
C PRO A 59 39.62 0.04 2.41
N GLU A 60 38.59 0.05 1.57
CA GLU A 60 38.42 1.11 0.55
C GLU A 60 38.22 2.47 1.22
N PHE A 61 37.24 2.53 2.13
CA PHE A 61 36.96 3.76 2.86
C PHE A 61 37.96 3.97 3.98
N GLY A 62 38.74 2.94 4.30
CA GLY A 62 39.70 3.00 5.38
C GLY A 62 39.00 3.13 6.72
N THR A 63 37.80 2.55 6.81
CA THR A 63 36.97 2.67 7.99
C THR A 63 36.47 1.30 8.42
N ALA A 64 35.87 1.21 9.61
CA ALA A 64 35.31 -0.05 10.07
C ALA A 64 34.01 0.18 10.84
N HIS A 65 33.05 -0.73 10.67
CA HIS A 65 31.77 -0.62 11.35
C HIS A 65 31.52 -1.82 12.25
N LEU A 66 31.34 -1.57 13.54
CA LEU A 66 31.06 -2.65 14.48
C LEU A 66 29.90 -2.27 15.38
N LYS A 67 29.07 -3.26 15.73
CA LYS A 67 27.89 -2.98 16.55
C LYS A 67 27.92 -3.76 17.85
N ILE A 68 27.75 -3.04 18.95
CA ILE A 68 27.66 -3.62 20.28
C ILE A 68 26.29 -3.34 20.88
N GLY A 69 25.52 -4.40 21.10
CA GLY A 69 24.13 -4.25 21.50
C GLY A 69 23.36 -3.55 20.40
N LYS A 70 22.53 -2.58 20.77
CA LYS A 70 21.85 -1.76 19.77
C LYS A 70 22.67 -0.48 19.52
N LEU A 71 23.83 -0.40 20.16
CA LEU A 71 24.74 0.72 19.98
C LEU A 71 25.64 0.48 18.76
N LYS A 72 25.69 1.45 17.86
CA LYS A 72 26.49 1.31 16.65
C LYS A 72 27.74 2.19 16.65
N LEU A 73 28.88 1.57 16.36
CA LEU A 73 30.16 2.26 16.34
C LEU A 73 30.78 2.29 14.95
N GLU A 74 31.13 3.49 14.48
CA GLU A 74 31.88 3.61 13.24
C GLU A 74 33.24 4.26 13.48
N PHE A 75 34.31 3.50 13.21
CA PHE A 75 35.66 4.02 13.37
C PHE A 75 36.26 4.43 12.04
N ALA A 76 36.82 5.64 11.98
CA ALA A 76 37.43 6.13 10.76
C ALA A 76 38.82 6.68 11.01
N THR A 77 39.73 6.40 10.08
CA THR A 77 41.09 6.94 10.15
C THR A 77 41.06 8.41 9.77
N ALA A 78 41.81 9.24 10.50
CA ALA A 78 41.89 10.66 10.18
C ALA A 78 42.46 10.85 8.78
N ARG A 79 41.72 11.60 7.96
CA ARG A 79 42.07 11.77 6.55
C ARG A 79 41.69 13.17 6.07
N ARG A 80 42.39 13.65 5.04
CA ARG A 80 42.14 14.99 4.51
C ARG A 80 41.16 14.96 3.34
N GLU A 81 40.65 13.78 3.00
CA GLU A 81 39.72 13.64 1.89
C GLU A 81 38.33 14.15 2.26
N PRO A 94 50.34 11.08 6.99
CA PRO A 94 48.91 10.97 7.28
C PRO A 94 48.27 12.34 7.54
N ALA A 95 47.09 12.35 8.15
CA ALA A 95 46.39 13.60 8.43
C ALA A 95 46.06 13.74 9.91
N SER A 96 46.39 14.89 10.48
CA SER A 96 46.08 15.18 11.88
C SER A 96 44.58 15.38 12.06
N LEU A 97 44.11 15.28 13.30
CA LEU A 97 42.70 15.43 13.62
C LEU A 97 42.11 16.72 13.05
N LYS A 98 42.85 17.81 13.16
CA LYS A 98 42.40 19.12 12.68
C LYS A 98 42.12 19.10 11.17
N GLU A 99 43.02 18.48 10.43
CA GLU A 99 42.89 18.37 8.98
C GLU A 99 41.68 17.51 8.59
N ASP A 100 41.38 16.51 9.42
CA ASP A 100 40.23 15.64 9.18
C ASP A 100 38.93 16.38 9.52
N LEU A 101 39.03 17.30 10.47
CA LEU A 101 37.88 18.04 10.94
C LEU A 101 37.47 19.19 10.02
N ILE A 102 38.46 19.92 9.53
CA ILE A 102 38.19 21.13 8.76
C ILE A 102 37.48 20.85 7.42
N ARG A 103 37.52 19.61 6.98
CA ARG A 103 36.91 19.24 5.70
C ARG A 103 35.40 19.02 5.83
N ARG A 104 34.91 19.04 7.06
CA ARG A 104 33.49 18.81 7.33
C ARG A 104 32.64 20.05 7.02
N ASP A 105 31.36 19.99 7.35
CA ASP A 105 30.43 21.02 6.90
C ASP A 105 30.40 22.25 7.81
N PHE A 106 29.96 22.08 9.06
CA PHE A 106 29.75 23.22 9.94
C PHE A 106 30.52 23.11 11.26
N THR A 107 30.63 24.26 11.93
CA THR A 107 31.43 24.39 13.16
C THR A 107 31.00 23.47 14.29
N ILE A 108 29.69 23.39 14.51
CA ILE A 108 29.15 22.54 15.57
C ILE A 108 29.41 21.07 15.26
N ASN A 109 29.60 20.76 13.98
CA ASN A 109 29.94 19.40 13.55
C ASN A 109 31.44 19.21 13.49
N ALA A 110 32.19 20.29 13.66
CA ALA A 110 33.63 20.29 13.44
C ALA A 110 34.44 20.05 14.70
N MET A 111 33.77 19.78 15.81
CA MET A 111 34.49 19.57 17.07
C MET A 111 34.70 18.09 17.38
N ALA A 112 35.43 17.82 18.46
CA ALA A 112 35.74 16.46 18.87
C ALA A 112 36.02 16.38 20.37
N ILE A 113 35.76 15.22 20.95
CA ILE A 113 36.04 14.97 22.36
C ILE A 113 36.92 13.73 22.51
N SER A 114 38.05 13.88 23.21
CA SER A 114 39.05 12.82 23.33
C SER A 114 38.65 11.71 24.30
N VAL A 115 38.72 10.46 23.82
CA VAL A 115 38.49 9.30 24.67
C VAL A 115 39.81 8.73 25.18
N ASN A 116 40.92 9.38 24.79
CA ASN A 116 42.24 8.97 25.25
C ASN A 116 42.42 9.28 26.73
N LEU A 117 43.13 8.40 27.44
CA LEU A 117 43.15 8.42 28.90
C LEU A 117 43.73 9.69 29.53
N GLU A 118 44.70 10.33 28.87
CA GLU A 118 45.32 11.52 29.45
C GLU A 118 44.45 12.77 29.32
N ASP A 119 43.93 13.02 28.12
CA ASP A 119 43.12 14.19 27.86
C ASP A 119 41.61 13.92 27.95
N TYR A 120 41.23 12.74 28.42
CA TYR A 120 39.83 12.30 28.42
C TYR A 120 38.87 13.35 28.99
N GLY A 121 37.81 13.63 28.24
CA GLY A 121 36.85 14.65 28.62
C GLY A 121 37.25 16.03 28.12
N THR A 122 38.04 16.07 27.06
CA THR A 122 38.48 17.34 26.48
C THR A 122 37.81 17.60 25.14
N LEU A 123 36.99 18.64 25.10
CA LEU A 123 36.39 19.09 23.85
C LEU A 123 37.42 19.92 23.09
N ILE A 124 37.76 19.47 21.88
CA ILE A 124 38.74 20.18 21.08
C ILE A 124 38.04 21.01 20.02
N ASP A 125 38.04 22.32 20.22
CA ASP A 125 37.33 23.22 19.31
C ASP A 125 38.30 24.21 18.68
N TYR A 126 38.58 24.02 17.39
CA TYR A 126 39.45 24.94 16.67
C TYR A 126 38.68 26.15 16.15
N PHE A 127 37.50 25.88 15.60
CA PHE A 127 36.80 26.86 14.78
C PHE A 127 35.75 27.65 15.57
N GLY A 128 35.70 27.41 16.88
CA GLY A 128 34.75 28.09 17.72
C GLY A 128 33.38 27.46 17.55
N GLY A 129 33.37 26.15 17.33
CA GLY A 129 32.14 25.40 17.20
C GLY A 129 31.24 25.56 18.40
N LEU A 130 31.83 25.69 19.58
CA LEU A 130 31.08 25.90 20.80
C LEU A 130 30.55 27.33 20.85
N ARG A 131 31.39 28.25 20.41
CA ARG A 131 31.02 29.67 20.32
C ARG A 131 29.81 29.84 19.42
N ASP A 132 29.84 29.17 18.27
CA ASP A 132 28.75 29.23 17.31
C ASP A 132 27.58 28.35 17.77
N LEU A 133 27.88 27.43 18.68
CA LEU A 133 26.86 26.54 19.23
C LEU A 133 25.94 27.31 20.16
N LYS A 134 26.54 28.06 21.10
CA LYS A 134 25.76 28.76 22.11
C LYS A 134 24.98 29.93 21.52
N ASP A 135 25.43 30.43 20.36
CA ASP A 135 24.78 31.56 19.72
C ASP A 135 23.70 31.13 18.75
N LYS A 136 23.45 29.83 18.69
CA LYS A 136 22.47 29.26 17.76
C LYS A 136 22.81 29.62 16.31
N VAL A 137 24.05 29.36 15.92
CA VAL A 137 24.53 29.81 14.61
C VAL A 137 25.13 28.69 13.76
N ILE A 138 24.57 28.51 12.57
CA ILE A 138 25.14 27.58 11.59
C ILE A 138 26.22 28.28 10.76
N ARG A 139 27.42 27.76 10.81
CA ARG A 139 28.58 28.42 10.20
C ARG A 139 29.49 27.45 9.45
N VAL A 140 29.79 27.76 8.20
CA VAL A 140 30.70 26.94 7.40
C VAL A 140 32.14 27.10 7.88
N LEU A 141 32.96 26.09 7.60
CA LEU A 141 34.37 26.12 8.01
C LEU A 141 35.20 26.96 7.07
N HIS A 142 34.95 26.84 5.77
CA HIS A 142 35.69 27.57 4.75
C HIS A 142 34.73 28.21 3.74
N PRO A 143 35.16 29.30 3.07
CA PRO A 143 34.27 30.09 2.22
C PRO A 143 33.70 29.36 1.00
N VAL A 144 34.39 28.34 0.50
CA VAL A 144 33.93 27.64 -0.70
C VAL A 144 33.06 26.43 -0.35
N SER A 145 32.77 26.28 0.93
CA SER A 145 32.09 25.09 1.47
C SER A 145 30.83 24.68 0.72
N PHE A 146 30.07 25.64 0.22
CA PHE A 146 28.84 25.32 -0.51
C PHE A 146 29.14 24.86 -1.93
N ILE A 147 30.10 25.53 -2.58
CA ILE A 147 30.53 25.14 -3.92
C ILE A 147 31.18 23.76 -3.88
N GLU A 148 31.92 23.51 -2.80
CA GLU A 148 32.61 22.24 -2.61
C GLU A 148 31.64 21.07 -2.51
N ASP A 149 30.65 21.22 -1.63
CA ASP A 149 29.65 20.18 -1.41
C ASP A 149 28.26 20.81 -1.29
N PRO A 150 27.59 21.00 -2.44
CA PRO A 150 26.30 21.69 -2.58
C PRO A 150 25.22 21.20 -1.61
N VAL A 151 25.27 19.93 -1.23
CA VAL A 151 24.30 19.36 -0.30
C VAL A 151 24.19 20.22 0.96
N ARG A 152 25.32 20.78 1.39
CA ARG A 152 25.39 21.60 2.59
C ARG A 152 24.38 22.74 2.57
N ILE A 153 24.11 23.28 1.38
CA ILE A 153 23.11 24.32 1.20
C ILE A 153 21.80 23.93 1.88
N LEU A 154 21.34 22.72 1.61
CA LEU A 154 20.16 22.19 2.26
C LEU A 154 20.46 21.90 3.72
N ARG A 155 21.58 21.22 3.95
CA ARG A 155 21.95 20.71 5.27
C ARG A 155 21.87 21.81 6.33
N ALA A 156 22.51 22.94 6.05
CA ALA A 156 22.50 24.07 6.96
C ALA A 156 21.08 24.39 7.39
N LEU A 157 20.22 24.59 6.39
CA LEU A 157 18.83 24.94 6.66
C LEU A 157 18.20 23.89 7.55
N ARG A 158 18.44 22.62 7.23
CA ARG A 158 17.90 21.52 8.02
C ARG A 158 18.29 21.67 9.48
N PHE A 159 19.59 21.88 9.73
CA PHE A 159 20.06 22.08 11.09
C PHE A 159 19.42 23.34 11.64
N ALA A 160 19.43 24.39 10.83
CA ALA A 160 18.83 25.66 11.23
C ALA A 160 17.34 25.47 11.48
N GLY A 161 16.76 24.49 10.80
CA GLY A 161 15.36 24.16 11.01
C GLY A 161 15.17 23.35 12.28
N ARG A 162 16.10 22.44 12.55
CA ARG A 162 15.97 21.52 13.67
C ARG A 162 16.19 22.20 15.01
N LEU A 163 17.30 22.92 15.11
CA LEU A 163 17.73 23.49 16.37
C LEU A 163 17.26 24.94 16.53
N ASN A 164 16.52 25.42 15.53
CA ASN A 164 16.11 26.82 15.46
C ASN A 164 17.34 27.73 15.50
N PHE A 165 18.26 27.49 14.58
CA PHE A 165 19.51 28.25 14.53
C PHE A 165 19.48 29.28 13.40
N LYS A 166 20.19 30.39 13.59
CA LYS A 166 20.31 31.40 12.55
C LYS A 166 21.63 31.21 11.78
N LEU A 167 21.58 31.48 10.48
CA LEU A 167 22.79 31.43 9.65
C LEU A 167 23.60 32.70 9.86
N SER A 168 24.92 32.55 9.98
CA SER A 168 25.80 33.71 10.11
C SER A 168 25.84 34.49 8.80
N ARG A 169 26.27 35.75 8.88
CA ARG A 169 26.33 36.63 7.72
C ARG A 169 27.07 35.99 6.55
N SER A 170 28.29 35.55 6.83
CA SER A 170 29.13 34.88 5.84
C SER A 170 28.41 33.66 5.26
N THR A 171 27.87 32.83 6.15
CA THR A 171 27.20 31.60 5.74
C THR A 171 26.00 31.88 4.85
N GLU A 172 25.18 32.85 5.23
CA GLU A 172 24.00 33.19 4.46
C GLU A 172 24.36 33.77 3.10
N LYS A 173 25.40 34.62 3.08
CA LYS A 173 25.88 35.19 1.83
C LYS A 173 26.37 34.11 0.88
N LEU A 174 27.19 33.21 1.39
CA LEU A 174 27.73 32.12 0.60
C LEU A 174 26.63 31.19 0.09
N LEU A 175 25.68 30.91 0.96
CA LEU A 175 24.55 30.05 0.65
C LEU A 175 23.70 30.64 -0.48
N LYS A 176 23.37 31.93 -0.35
CA LYS A 176 22.60 32.62 -1.37
C LYS A 176 23.37 32.68 -2.69
N GLN A 177 24.68 32.88 -2.60
CA GLN A 177 25.54 32.83 -3.78
C GLN A 177 25.41 31.49 -4.49
N ALA A 178 25.78 30.41 -3.79
CA ALA A 178 25.73 29.06 -4.34
C ALA A 178 24.35 28.69 -4.89
N VAL A 179 23.30 29.18 -4.25
CA VAL A 179 21.95 28.95 -4.73
C VAL A 179 21.71 29.68 -6.04
N ASN A 180 22.04 30.97 -6.06
CA ASN A 180 21.89 31.79 -7.25
C ASN A 180 22.83 31.35 -8.37
N LEU A 181 23.93 30.70 -7.99
CA LEU A 181 24.84 30.11 -8.96
C LEU A 181 24.23 28.84 -9.56
N GLY A 182 23.12 28.40 -8.97
CA GLY A 182 22.38 27.26 -9.48
C GLY A 182 23.12 25.95 -9.30
N LEU A 183 24.15 25.95 -8.47
CA LEU A 183 24.98 24.76 -8.25
C LEU A 183 24.17 23.60 -7.71
N LEU A 184 23.01 23.93 -7.12
CA LEU A 184 22.13 22.92 -6.55
C LEU A 184 21.60 21.99 -7.63
N LYS A 185 21.27 22.55 -8.79
CA LYS A 185 20.74 21.76 -9.90
C LYS A 185 21.82 20.87 -10.50
N GLU A 186 23.07 21.32 -10.46
CA GLU A 186 24.19 20.57 -11.02
C GLU A 186 24.85 19.67 -9.98
N ALA A 187 24.29 19.65 -8.78
CA ALA A 187 24.77 18.77 -7.71
C ALA A 187 24.37 17.33 -8.00
N PRO A 188 25.11 16.37 -7.44
CA PRO A 188 24.73 14.95 -7.56
C PRO A 188 23.31 14.73 -7.06
N ARG A 189 22.48 14.06 -7.86
CA ARG A 189 21.06 13.94 -7.57
C ARG A 189 20.80 13.07 -6.34
N GLY A 190 21.49 11.94 -6.27
CA GLY A 190 21.29 10.98 -5.20
C GLY A 190 21.45 11.55 -3.80
N ARG A 191 22.52 12.31 -3.59
CA ARG A 191 22.80 12.91 -2.30
C ARG A 191 21.72 13.92 -1.92
N LEU A 192 21.23 14.66 -2.91
CA LEU A 192 20.15 15.61 -2.70
C LEU A 192 18.88 14.90 -2.25
N ILE A 193 18.52 13.84 -2.99
CA ILE A 193 17.35 13.03 -2.65
C ILE A 193 17.48 12.49 -1.24
N ASN A 194 18.68 12.03 -0.88
CA ASN A 194 18.97 11.54 0.46
C ASN A 194 18.74 12.62 1.52
N GLU A 195 19.28 13.81 1.28
CA GLU A 195 19.13 14.92 2.20
C GLU A 195 17.67 15.28 2.40
N ILE A 196 16.90 15.25 1.32
CA ILE A 196 15.46 15.52 1.38
C ILE A 196 14.74 14.46 2.22
N LYS A 197 15.10 13.19 1.98
CA LYS A 197 14.51 12.08 2.71
C LYS A 197 14.84 12.16 4.19
N LEU A 198 15.99 12.74 4.51
CA LEU A 198 16.41 12.92 5.89
C LEU A 198 15.69 14.13 6.50
N ALA A 199 15.35 15.09 5.65
CA ALA A 199 14.72 16.32 6.10
C ALA A 199 13.29 16.09 6.55
N LEU A 200 12.57 15.22 5.85
CA LEU A 200 11.15 14.96 6.14
C LEU A 200 10.97 14.17 7.43
N ARG A 201 12.04 13.50 7.87
CA ARG A 201 12.01 12.71 9.10
C ARG A 201 12.09 13.60 10.33
N GLU A 202 12.32 14.89 10.12
CA GLU A 202 12.38 15.86 11.20
C GLU A 202 10.97 16.25 11.64
N ASP A 203 10.80 16.54 12.93
CA ASP A 203 9.54 17.08 13.42
C ASP A 203 9.49 18.58 13.17
N ARG A 204 10.68 19.17 13.00
CA ARG A 204 10.81 20.58 12.67
C ARG A 204 10.84 20.78 11.15
N PHE A 205 10.59 19.70 10.43
CA PHE A 205 10.64 19.66 8.96
C PHE A 205 9.82 20.77 8.30
N LEU A 206 8.76 21.21 8.95
CA LEU A 206 7.94 22.29 8.42
C LEU A 206 8.72 23.61 8.41
N GLU A 207 9.44 23.88 9.49
CA GLU A 207 10.29 25.07 9.57
C GLU A 207 11.43 24.98 8.55
N ILE A 208 11.88 23.75 8.31
CA ILE A 208 12.87 23.50 7.28
C ILE A 208 12.28 23.86 5.92
N LEU A 209 10.99 23.59 5.75
CA LEU A 209 10.28 23.99 4.54
C LEU A 209 10.16 25.50 4.45
N GLU A 210 10.06 26.16 5.60
CA GLU A 210 10.02 27.61 5.65
C GLU A 210 11.35 28.19 5.15
N LEU A 211 12.46 27.61 5.62
CA LEU A 211 13.77 28.02 5.15
C LEU A 211 13.94 27.70 3.66
N TYR A 212 13.36 26.58 3.23
CA TYR A 212 13.38 26.19 1.82
C TYR A 212 12.70 27.24 0.94
N ARG A 213 11.53 27.68 1.36
CA ARG A 213 10.80 28.71 0.63
C ARG A 213 11.57 30.03 0.68
N LYS A 214 12.22 30.30 1.80
CA LYS A 214 12.96 31.54 1.96
C LYS A 214 14.14 31.62 0.99
N TYR A 215 14.92 30.54 0.91
CA TYR A 215 16.07 30.52 0.02
C TYR A 215 15.79 29.85 -1.33
N ARG A 216 14.54 29.45 -1.53
CA ARG A 216 14.07 28.96 -2.83
C ARG A 216 14.87 27.79 -3.38
N VAL A 217 15.12 26.78 -2.54
CA VAL A 217 15.93 25.65 -2.96
C VAL A 217 15.15 24.65 -3.80
N LEU A 218 13.87 24.48 -3.50
CA LEU A 218 13.05 23.48 -4.18
C LEU A 218 12.76 23.88 -5.63
N GLU A 219 12.75 25.19 -5.88
CA GLU A 219 12.57 25.70 -7.23
C GLU A 219 13.76 25.33 -8.10
N GLU A 220 14.91 25.10 -7.47
CA GLU A 220 16.12 24.73 -8.18
C GLU A 220 16.29 23.22 -8.24
N ILE A 221 15.32 22.50 -7.70
CA ILE A 221 15.36 21.04 -7.68
C ILE A 221 14.27 20.42 -8.56
N ILE A 222 13.02 20.61 -8.17
CA ILE A 222 11.89 19.98 -8.84
C ILE A 222 11.49 20.74 -10.11
N GLU A 223 11.06 19.98 -11.13
CA GLU A 223 10.69 20.56 -12.41
C GLU A 223 9.40 21.37 -12.34
N GLY A 224 9.47 22.63 -12.76
CA GLY A 224 8.31 23.51 -12.84
C GLY A 224 7.64 23.80 -11.51
N PHE A 225 8.44 23.94 -10.46
CA PHE A 225 7.89 24.17 -9.12
C PHE A 225 7.99 25.63 -8.68
N GLN A 226 6.89 26.13 -8.12
CA GLN A 226 6.84 27.48 -7.55
C GLN A 226 6.02 27.47 -6.27
N TRP A 227 6.08 28.57 -5.52
CA TRP A 227 5.33 28.68 -4.27
C TRP A 227 4.13 29.61 -4.38
N ASN A 228 3.02 29.22 -3.76
CA ASN A 228 1.87 30.09 -3.62
C ASN A 228 1.37 30.05 -2.17
N GLU A 229 0.50 31.00 -1.82
CA GLU A 229 0.06 31.15 -0.43
C GLU A 229 -0.81 29.98 0.03
N LYS A 230 -1.66 29.49 -0.86
CA LYS A 230 -2.61 28.43 -0.53
C LYS A 230 -1.91 27.16 -0.02
N VAL A 231 -0.81 26.81 -0.69
CA VAL A 231 -0.02 25.64 -0.31
C VAL A 231 0.53 25.79 1.11
N LEU A 232 1.09 26.96 1.40
CA LEU A 232 1.65 27.25 2.71
C LEU A 232 0.57 27.18 3.79
N GLN A 233 -0.57 27.79 3.53
CA GLN A 233 -1.70 27.76 4.44
C GLN A 233 -2.14 26.33 4.73
N LYS A 234 -2.24 25.53 3.67
CA LYS A 234 -2.65 24.13 3.81
C LYS A 234 -1.56 23.32 4.51
N LEU A 235 -0.33 23.83 4.52
CA LEU A 235 0.75 23.20 5.26
C LEU A 235 0.64 23.48 6.75
N TYR A 236 0.30 24.72 7.11
CA TYR A 236 0.05 25.06 8.50
C TYR A 236 -1.14 24.26 9.04
N ALA A 237 -2.22 24.26 8.26
CA ALA A 237 -3.41 23.49 8.61
C ALA A 237 -3.07 22.00 8.73
N LEU A 238 -2.19 21.53 7.85
CA LEU A 238 -1.73 20.15 7.91
C LEU A 238 -0.99 19.89 9.21
N ARG A 239 -0.18 20.85 9.65
CA ARG A 239 0.51 20.72 10.93
C ARG A 239 -0.50 20.61 12.06
N LYS A 240 -1.56 21.44 11.98
CA LYS A 240 -2.62 21.39 12.98
C LYS A 240 -3.26 20.00 13.06
N VAL A 241 -3.68 19.49 11.90
CA VAL A 241 -4.33 18.19 11.82
C VAL A 241 -3.42 17.06 12.32
N VAL A 242 -2.16 17.11 11.93
CA VAL A 242 -1.17 16.13 12.35
C VAL A 242 -0.98 16.15 13.87
N ASP A 243 -0.88 17.35 14.43
CA ASP A 243 -0.74 17.52 15.87
C ASP A 243 -1.96 16.94 16.62
N TRP A 244 -3.15 17.26 16.13
CA TRP A 244 -4.37 16.78 16.75
C TRP A 244 -4.48 15.25 16.70
N HIS A 245 -4.24 14.68 15.52
CA HIS A 245 -4.33 13.24 15.35
C HIS A 245 -3.29 12.50 16.18
N ALA A 246 -2.05 12.99 16.15
CA ALA A 246 -0.98 12.40 16.93
C ALA A 246 -1.30 12.51 18.42
N LEU A 247 -2.05 13.54 18.79
CA LEU A 247 -2.48 13.71 20.16
C LEU A 247 -3.53 12.66 20.55
N GLU A 248 -4.56 12.53 19.72
CA GLU A 248 -5.67 11.64 20.02
C GLU A 248 -5.29 10.16 20.03
N PHE A 249 -4.75 9.68 18.90
CA PHE A 249 -4.46 8.26 18.74
C PHE A 249 -2.96 8.00 18.64
N SER A 250 -2.40 7.39 19.68
CA SER A 250 -0.97 7.13 19.74
C SER A 250 -0.55 5.86 18.99
N GLU A 251 -1.50 4.96 18.78
CA GLU A 251 -1.21 3.69 18.11
C GLU A 251 -1.56 3.73 16.63
N GLU A 252 -2.12 4.85 16.18
CA GLU A 252 -2.48 5.03 14.78
C GLU A 252 -1.42 5.81 14.01
N ARG A 253 -0.31 6.12 14.68
CA ARG A 253 0.76 6.93 14.10
C ARG A 253 1.29 6.39 12.77
N ILE A 254 1.53 7.30 11.83
CA ILE A 254 2.17 6.98 10.56
C ILE A 254 3.27 8.01 10.30
N ASP A 255 3.87 7.97 9.11
CA ASP A 255 4.88 8.95 8.75
C ASP A 255 4.22 10.14 8.07
N TYR A 256 4.23 11.28 8.75
CA TYR A 256 3.50 12.45 8.29
C TYR A 256 4.34 13.31 7.36
N GLY A 257 5.64 13.03 7.32
CA GLY A 257 6.57 13.81 6.51
C GLY A 257 6.23 13.77 5.04
N TRP A 258 5.78 12.61 4.57
CA TRP A 258 5.41 12.44 3.17
C TRP A 258 4.19 13.26 2.80
N LEU A 259 3.31 13.51 3.78
CA LEU A 259 2.08 14.24 3.54
C LEU A 259 2.35 15.66 3.07
N TYR A 260 3.29 16.33 3.73
CA TYR A 260 3.72 17.67 3.34
C TYR A 260 4.26 17.64 1.91
N LEU A 261 5.06 16.61 1.61
CA LEU A 261 5.63 16.44 0.28
C LEU A 261 4.55 16.29 -0.77
N LEU A 262 3.46 15.61 -0.41
CA LEU A 262 2.33 15.44 -1.31
C LEU A 262 1.56 16.75 -1.45
N ILE A 263 1.59 17.57 -0.41
CA ILE A 263 0.95 18.88 -0.46
C ILE A 263 1.70 19.79 -1.44
N LEU A 264 3.03 19.73 -1.40
CA LEU A 264 3.86 20.57 -2.24
C LEU A 264 3.70 20.25 -3.72
N ILE A 265 3.58 18.97 -4.04
CA ILE A 265 3.52 18.51 -5.44
C ILE A 265 2.09 18.46 -5.97
N SER A 266 1.14 18.92 -5.16
CA SER A 266 -0.27 18.87 -5.50
C SER A 266 -0.61 19.61 -6.79
N ASN A 267 0.00 20.78 -6.99
CA ASN A 267 -0.31 21.60 -8.16
C ASN A 267 0.37 21.09 -9.43
N LEU A 268 1.43 20.29 -9.25
CA LEU A 268 2.19 19.76 -10.39
C LEU A 268 1.47 18.64 -11.13
N ASP A 269 1.90 18.38 -12.35
CA ASP A 269 1.33 17.34 -13.20
C ASP A 269 1.57 15.95 -12.61
N TYR A 270 0.75 14.99 -13.05
CA TYR A 270 0.84 13.63 -12.52
C TYR A 270 2.08 12.88 -12.99
N GLU A 271 2.49 13.10 -14.24
CA GLU A 271 3.62 12.36 -14.81
C GLU A 271 4.93 12.66 -14.08
N ARG A 272 5.30 13.94 -14.03
CA ARG A 272 6.54 14.35 -13.39
C ARG A 272 6.50 14.18 -11.88
N GLY A 273 5.29 14.25 -11.31
CA GLY A 273 5.11 14.05 -9.88
C GLY A 273 5.31 12.60 -9.49
N LYS A 274 4.72 11.70 -10.28
CA LYS A 274 4.92 10.27 -10.10
C LYS A 274 6.38 9.89 -10.29
N HIS A 275 6.98 10.45 -11.34
CA HIS A 275 8.40 10.22 -11.59
C HIS A 275 9.25 10.69 -10.41
N PHE A 276 8.85 11.82 -9.82
CA PHE A 276 9.57 12.38 -8.69
C PHE A 276 9.44 11.50 -7.44
N LEU A 277 8.23 11.03 -7.16
CA LEU A 277 7.98 10.18 -6.01
C LEU A 277 8.68 8.84 -6.15
N GLU A 278 8.74 8.33 -7.38
CA GLU A 278 9.47 7.10 -7.66
C GLU A 278 10.97 7.36 -7.56
N GLU A 279 11.36 8.61 -7.77
CA GLU A 279 12.75 9.02 -7.65
C GLU A 279 13.13 9.17 -6.18
N MET A 280 12.12 9.40 -5.34
CA MET A 280 12.33 9.59 -3.91
C MET A 280 12.35 8.28 -3.14
N SER A 281 12.12 7.17 -3.85
CA SER A 281 12.00 5.85 -3.24
C SER A 281 10.94 5.88 -2.14
N ALA A 282 9.79 6.47 -2.47
CA ALA A 282 8.69 6.61 -1.51
C ALA A 282 7.93 5.30 -1.34
N PRO A 283 7.37 5.09 -0.14
CA PRO A 283 6.56 3.89 0.15
C PRO A 283 5.33 3.77 -0.75
N SER A 284 4.76 2.57 -0.82
CA SER A 284 3.60 2.27 -1.64
C SER A 284 2.42 3.22 -1.36
N TRP A 285 1.91 3.17 -0.14
CA TRP A 285 0.74 3.94 0.26
C TRP A 285 0.85 5.44 -0.03
N VAL A 286 2.08 5.95 -0.05
CA VAL A 286 2.31 7.36 -0.37
C VAL A 286 1.94 7.65 -1.82
N ARG A 287 2.54 6.90 -2.74
CA ARG A 287 2.29 7.05 -4.16
C ARG A 287 0.85 6.70 -4.52
N GLU A 288 0.28 5.75 -3.78
CA GLU A 288 -1.12 5.40 -3.95
C GLU A 288 -1.99 6.58 -3.54
N THR A 289 -1.60 7.26 -2.47
CA THR A 289 -2.30 8.43 -1.99
C THR A 289 -2.19 9.56 -3.01
N TYR A 290 -1.06 9.59 -3.72
CA TYR A 290 -0.84 10.58 -4.77
C TYR A 290 -1.77 10.34 -5.96
N LYS A 291 -1.76 9.10 -6.46
CA LYS A 291 -2.60 8.72 -7.59
C LYS A 291 -4.08 8.91 -7.26
N PHE A 292 -4.45 8.62 -6.02
CA PHE A 292 -5.83 8.78 -5.58
C PHE A 292 -6.17 10.26 -5.41
N MET A 293 -5.16 11.06 -5.06
CA MET A 293 -5.36 12.49 -4.86
C MET A 293 -5.58 13.20 -6.18
N LYS A 294 -4.84 12.81 -7.21
CA LYS A 294 -4.97 13.41 -8.53
C LYS A 294 -6.39 13.30 -9.11
N PHE A 295 -6.81 12.07 -9.39
CA PHE A 295 -8.06 11.82 -10.10
C PHE A 295 -9.29 11.78 -9.18
N LYS A 296 -9.34 10.76 -8.33
CA LYS A 296 -10.56 10.37 -7.64
C LYS A 296 -10.93 11.23 -6.43
N LEU A 297 -10.05 12.16 -6.06
CA LEU A 297 -10.26 12.96 -4.85
C LEU A 297 -11.39 13.97 -4.98
N GLY A 298 -11.54 14.56 -6.15
CA GLY A 298 -12.57 15.56 -6.40
C GLY A 298 -13.97 15.02 -6.20
N SER A 299 -14.29 13.94 -6.90
CA SER A 299 -15.59 13.29 -6.78
C SER A 299 -15.77 12.72 -5.38
N LEU A 300 -14.66 12.40 -4.74
CA LEU A 300 -14.68 11.93 -3.35
C LEU A 300 -15.19 13.02 -2.42
N LYS A 301 -14.64 14.22 -2.55
CA LYS A 301 -15.07 15.37 -1.77
C LYS A 301 -16.52 15.73 -2.10
N GLU A 302 -16.85 15.67 -3.38
CA GLU A 302 -18.22 15.91 -3.85
C GLU A 302 -19.21 15.00 -3.13
N GLU A 303 -19.06 13.70 -3.33
CA GLU A 303 -19.98 12.72 -2.73
C GLU A 303 -19.89 12.68 -1.21
N LEU A 304 -18.79 13.18 -0.66
CA LEU A 304 -18.65 13.27 0.79
C LEU A 304 -19.51 14.41 1.34
N LYS A 305 -19.52 15.53 0.63
CA LYS A 305 -20.37 16.65 1.00
C LYS A 305 -21.84 16.36 0.68
N LYS A 306 -22.06 15.37 -0.18
CA LYS A 306 -23.41 14.99 -0.58
C LYS A 306 -24.00 13.90 0.29
N ALA A 307 -23.22 13.43 1.27
CA ALA A 307 -23.68 12.35 2.13
C ALA A 307 -24.60 12.88 3.24
N LYS A 308 -25.84 12.41 3.23
CA LYS A 308 -26.82 12.79 4.24
C LYS A 308 -26.66 11.99 5.53
N GLU A 309 -26.39 10.69 5.39
CA GLU A 309 -26.31 9.78 6.52
C GLU A 309 -24.87 9.44 6.89
N ASN A 310 -24.63 9.24 8.18
CA ASN A 310 -23.29 8.92 8.69
C ASN A 310 -22.75 7.61 8.14
N TYR A 311 -23.64 6.63 7.96
CA TYR A 311 -23.24 5.32 7.46
C TYR A 311 -22.67 5.40 6.05
N GLU A 312 -23.18 6.32 5.25
CA GLU A 312 -22.67 6.52 3.89
C GLU A 312 -21.23 7.01 3.95
N VAL A 313 -20.96 7.92 4.89
CA VAL A 313 -19.62 8.42 5.11
C VAL A 313 -18.71 7.28 5.59
N TYR A 314 -19.26 6.41 6.43
CA TYR A 314 -18.54 5.22 6.90
C TYR A 314 -18.13 4.33 5.73
N ARG A 315 -19.08 4.08 4.84
CA ARG A 315 -18.84 3.26 3.65
C ARG A 315 -17.82 3.91 2.73
N LEU A 316 -17.86 5.23 2.62
CA LEU A 316 -16.95 5.96 1.75
C LEU A 316 -15.52 5.97 2.29
N LEU A 317 -15.38 6.12 3.60
CA LEU A 317 -14.07 6.25 4.22
C LEU A 317 -13.48 4.91 4.65
N LYS A 318 -14.26 3.84 4.56
CA LYS A 318 -13.79 2.51 4.95
C LYS A 318 -12.62 2.00 4.10
N PRO A 319 -12.78 1.96 2.76
CA PRO A 319 -11.64 1.45 1.98
C PRO A 319 -10.45 2.40 1.95
N LEU A 320 -10.69 3.67 2.26
CA LEU A 320 -9.65 4.70 2.17
C LEU A 320 -8.52 4.49 3.18
N HIS A 321 -7.34 4.97 2.81
CA HIS A 321 -6.19 4.94 3.70
C HIS A 321 -6.36 6.00 4.78
N THR A 322 -5.71 5.80 5.93
CA THR A 322 -5.83 6.73 7.04
C THR A 322 -5.23 8.09 6.68
N SER A 323 -4.12 8.06 5.93
CA SER A 323 -3.47 9.28 5.46
C SER A 323 -4.41 10.10 4.58
N VAL A 324 -5.24 9.41 3.81
CA VAL A 324 -6.22 10.05 2.95
C VAL A 324 -7.25 10.81 3.78
N LEU A 325 -7.65 10.22 4.91
CA LEU A 325 -8.63 10.82 5.80
C LEU A 325 -8.03 12.03 6.52
N LEU A 326 -6.80 11.86 7.01
CA LEU A 326 -6.08 12.95 7.65
C LEU A 326 -5.91 14.13 6.70
N LEU A 327 -5.66 13.81 5.44
CA LEU A 327 -5.55 14.82 4.40
C LEU A 327 -6.94 15.41 4.11
N LEU A 328 -7.97 14.63 4.37
CA LEU A 328 -9.35 15.07 4.13
C LEU A 328 -9.89 15.91 5.29
N MET A 329 -9.15 15.97 6.40
CA MET A 329 -9.58 16.76 7.54
C MET A 329 -9.16 18.22 7.42
N LEU A 330 -8.50 18.56 6.33
CA LEU A 330 -8.06 19.94 6.09
C LEU A 330 -9.25 20.86 5.85
N GLU A 331 -10.31 20.31 5.26
CA GLU A 331 -11.52 21.09 4.99
C GLU A 331 -12.31 21.32 6.27
N GLU A 332 -12.71 22.57 6.49
CA GLU A 332 -13.41 22.96 7.70
C GLU A 332 -14.79 22.29 7.82
N GLU A 333 -15.50 22.25 6.70
CA GLU A 333 -16.85 21.67 6.68
C GLU A 333 -16.82 20.16 6.87
N LEU A 334 -15.69 19.54 6.53
CA LEU A 334 -15.55 18.10 6.64
C LEU A 334 -14.88 17.66 7.94
N LYS A 335 -14.54 18.63 8.80
CA LYS A 335 -13.83 18.35 10.05
C LYS A 335 -14.62 17.44 10.98
N GLU A 336 -15.84 17.86 11.31
CA GLU A 336 -16.69 17.13 12.26
C GLU A 336 -17.03 15.74 11.74
N LYS A 337 -17.08 15.60 10.42
CA LYS A 337 -17.38 14.32 9.80
C LYS A 337 -16.23 13.33 9.99
N ILE A 338 -15.02 13.78 9.71
CA ILE A 338 -13.82 12.96 9.91
C ILE A 338 -13.64 12.61 11.38
N LYS A 339 -13.80 13.61 12.25
CA LYS A 339 -13.68 13.41 13.69
C LYS A 339 -14.72 12.41 14.19
N LEU A 340 -15.92 12.49 13.63
CA LEU A 340 -16.99 11.55 13.95
C LEU A 340 -16.63 10.13 13.53
N TYR A 341 -16.13 9.99 12.30
CA TYR A 341 -15.75 8.67 11.80
C TYR A 341 -14.65 8.05 12.64
N LEU A 342 -13.65 8.86 13.00
CA LEU A 342 -12.50 8.38 13.76
C LEU A 342 -12.89 8.00 15.19
N GLU A 343 -13.64 8.87 15.86
CA GLU A 343 -13.94 8.68 17.26
C GLU A 343 -15.21 7.87 17.56
N LYS A 344 -16.05 7.66 16.55
CA LYS A 344 -17.31 6.96 16.78
C LYS A 344 -17.63 5.85 15.77
N LEU A 345 -17.86 6.24 14.53
CA LEU A 345 -18.49 5.38 13.52
C LEU A 345 -17.81 4.03 13.29
N ARG A 346 -16.48 4.01 13.28
CA ARG A 346 -15.75 2.78 12.96
C ARG A 346 -15.49 1.92 14.19
N LYS A 347 -15.98 2.37 15.35
CA LYS A 347 -15.81 1.62 16.59
C LYS A 347 -17.03 0.76 16.91
N VAL A 348 -18.00 0.76 16.00
CA VAL A 348 -19.26 0.05 16.22
C VAL A 348 -19.11 -1.47 16.13
N LYS A 349 -19.65 -2.17 17.13
CA LYS A 349 -19.63 -3.64 17.15
C LYS A 349 -21.04 -4.19 17.40
N LEU A 350 -21.16 -5.50 17.54
CA LEU A 350 -22.48 -6.13 17.67
C LEU A 350 -22.51 -7.26 18.73
N PRO A 351 -23.72 -7.79 19.01
CA PRO A 351 -23.87 -8.96 19.89
C PRO A 351 -23.82 -10.30 19.15
N LYS A 352 -24.10 -11.37 19.89
CA LYS A 352 -24.08 -12.73 19.36
C LYS A 352 -25.44 -13.20 18.87
N GLU A 353 -26.41 -13.26 19.78
CA GLU A 353 -27.76 -13.79 19.50
C GLU A 353 -28.37 -13.25 18.21
N LYS A 354 -28.15 -11.96 17.95
CA LYS A 354 -28.66 -11.34 16.74
C LYS A 354 -28.06 -11.99 15.49
N ILE A 355 -26.74 -12.19 15.50
CA ILE A 355 -26.05 -12.87 14.41
C ILE A 355 -26.63 -14.26 14.19
N GLU A 356 -26.87 -14.97 15.28
CA GLU A 356 -27.42 -16.32 15.24
C GLU A 356 -28.82 -16.34 14.63
N GLU A 357 -29.62 -15.32 14.96
CA GLU A 357 -30.97 -15.22 14.41
C GLU A 357 -30.93 -14.84 12.94
N LEU A 358 -29.88 -14.12 12.55
CA LEU A 358 -29.69 -13.76 11.14
C LEU A 358 -29.23 -14.98 10.33
N LYS A 359 -28.53 -15.88 11.01
CA LYS A 359 -28.08 -17.12 10.37
C LYS A 359 -29.17 -18.18 10.36
N LYS A 360 -30.18 -18.01 11.20
CA LYS A 360 -31.27 -18.98 11.35
C LYS A 360 -30.76 -20.37 11.69
N GLU A 367 -24.34 -12.87 1.86
CA GLU A 367 -25.65 -12.54 2.41
C GLU A 367 -25.55 -12.11 3.87
N LEU A 368 -24.61 -12.70 4.59
CA LEU A 368 -24.40 -12.37 6.00
C LEU A 368 -23.86 -10.95 6.15
N GLY A 369 -22.77 -10.67 5.44
CA GLY A 369 -22.15 -9.36 5.49
C GLY A 369 -23.07 -8.26 5.02
N GLU A 370 -23.96 -8.60 4.09
CA GLU A 370 -24.96 -7.66 3.60
C GLU A 370 -25.87 -7.22 4.74
N ARG A 371 -26.41 -8.19 5.47
CA ARG A 371 -27.29 -7.91 6.60
C ARG A 371 -26.55 -7.19 7.72
N ILE A 372 -25.27 -7.55 7.89
CA ILE A 372 -24.42 -6.88 8.87
C ILE A 372 -24.30 -5.40 8.55
N GLU A 373 -24.01 -5.09 7.29
CA GLU A 373 -23.91 -3.71 6.84
C GLU A 373 -25.26 -3.00 6.92
N GLU A 374 -26.34 -3.77 6.77
CA GLU A 374 -27.69 -3.24 6.92
C GLU A 374 -27.93 -2.77 8.34
N LEU A 375 -27.60 -3.62 9.31
CA LEU A 375 -27.74 -3.26 10.72
C LEU A 375 -26.80 -2.12 11.10
N LYS A 376 -25.63 -2.09 10.49
CA LYS A 376 -24.71 -0.97 10.65
C LYS A 376 -25.39 0.32 10.21
N ARG A 377 -26.03 0.28 9.05
CA ARG A 377 -26.78 1.40 8.53
C ARG A 377 -27.90 1.80 9.50
N GLU A 378 -28.51 0.80 10.13
CA GLU A 378 -29.58 1.04 11.10
C GLU A 378 -29.09 1.81 12.32
N ILE A 379 -28.08 1.27 12.99
CA ILE A 379 -27.64 1.82 14.27
C ILE A 379 -26.76 3.07 14.16
N MET A 380 -25.94 3.13 13.12
CA MET A 380 -24.94 4.20 13.00
C MET A 380 -25.56 5.57 12.70
N ASN A 381 -26.86 5.60 12.42
CA ASN A 381 -27.54 6.85 12.11
C ASN A 381 -28.04 7.58 13.36
N LYS A 382 -27.85 6.97 14.52
CA LYS A 382 -28.30 7.55 15.78
C LYS A 382 -27.27 8.51 16.36
N MET B 1 -41.67 -1.05 -18.56
CA MET B 1 -41.12 0.19 -19.08
C MET B 1 -40.49 0.01 -20.46
N VAL B 2 -39.49 -0.86 -20.54
CA VAL B 2 -38.77 -1.11 -21.79
C VAL B 2 -39.69 -1.71 -22.84
N GLY B 3 -40.70 -2.44 -22.39
CA GLY B 3 -41.65 -3.08 -23.29
C GLY B 3 -42.42 -2.11 -24.16
N GLN B 4 -43.08 -1.15 -23.53
CA GLN B 4 -43.90 -0.17 -24.25
C GLN B 4 -43.04 0.70 -25.16
N ILE B 5 -41.82 0.98 -24.72
CA ILE B 5 -40.89 1.78 -25.50
C ILE B 5 -40.43 1.00 -26.73
N ALA B 6 -40.25 -0.31 -26.55
CA ALA B 6 -39.89 -1.18 -27.65
C ALA B 6 -41.05 -1.31 -28.63
N LYS B 7 -42.27 -1.20 -28.13
CA LYS B 7 -43.45 -1.29 -28.99
C LYS B 7 -43.69 0.02 -29.74
N GLU B 8 -43.31 1.14 -29.12
CA GLU B 8 -43.42 2.43 -29.78
C GLU B 8 -42.48 2.51 -30.98
N MET B 9 -41.30 1.93 -30.83
CA MET B 9 -40.33 1.88 -31.92
C MET B 9 -40.59 0.69 -32.83
N GLY B 10 -41.41 -0.24 -32.35
CA GLY B 10 -41.69 -1.46 -33.08
C GLY B 10 -40.54 -2.44 -32.96
N LEU B 11 -39.63 -2.17 -32.03
CA LEU B 11 -38.46 -3.01 -31.82
C LEU B 11 -38.75 -4.10 -30.80
N ARG B 12 -37.76 -4.95 -30.55
CA ARG B 12 -37.86 -6.00 -29.55
C ARG B 12 -36.54 -6.14 -28.80
N ALA B 13 -36.63 -6.25 -27.47
CA ALA B 13 -35.45 -6.36 -26.64
C ALA B 13 -35.55 -7.58 -25.73
N TYR B 14 -34.43 -7.98 -25.14
CA TYR B 14 -34.41 -9.11 -24.22
C TYR B 14 -33.37 -8.94 -23.12
N ILE B 15 -33.71 -9.35 -21.90
CA ILE B 15 -32.72 -9.52 -20.86
C ILE B 15 -31.82 -10.69 -21.25
N VAL B 16 -30.50 -10.52 -21.08
CA VAL B 16 -29.55 -11.49 -21.61
C VAL B 16 -28.39 -11.78 -20.65
N GLY B 17 -27.74 -12.92 -20.88
CA GLY B 17 -26.51 -13.25 -20.17
C GLY B 17 -26.68 -13.90 -18.81
N GLY B 18 -25.73 -13.61 -17.92
CA GLY B 18 -25.74 -14.18 -16.57
C GLY B 18 -26.84 -13.59 -15.72
N VAL B 19 -27.41 -12.49 -16.18
CA VAL B 19 -28.56 -11.88 -15.53
C VAL B 19 -29.68 -12.91 -15.40
N VAL B 20 -30.15 -13.40 -16.54
CA VAL B 20 -31.15 -14.46 -16.61
C VAL B 20 -30.82 -15.64 -15.70
N ARG B 21 -29.54 -16.01 -15.69
CA ARG B 21 -29.04 -17.07 -14.82
C ARG B 21 -29.35 -16.78 -13.36
N ASP B 22 -28.86 -15.63 -12.87
CA ASP B 22 -29.04 -15.24 -11.47
C ASP B 22 -30.52 -15.12 -11.12
N ILE B 23 -31.33 -14.67 -12.07
CA ILE B 23 -32.76 -14.57 -11.86
C ILE B 23 -33.37 -15.96 -11.67
N LEU B 24 -32.93 -16.91 -12.49
CA LEU B 24 -33.37 -18.30 -12.33
C LEU B 24 -32.80 -18.92 -11.06
N LEU B 25 -31.72 -18.33 -10.56
CA LEU B 25 -31.12 -18.77 -9.30
C LEU B 25 -31.79 -18.10 -8.11
N GLY B 26 -32.82 -17.31 -8.37
CA GLY B 26 -33.50 -16.56 -7.33
C GLY B 26 -32.54 -15.60 -6.66
N LYS B 27 -31.85 -14.80 -7.47
CA LYS B 27 -30.88 -13.83 -6.95
C LYS B 27 -31.06 -12.48 -7.61
N GLU B 28 -30.76 -11.43 -6.86
CA GLU B 28 -30.93 -10.06 -7.33
C GLU B 28 -29.69 -9.58 -8.08
N VAL B 29 -29.92 -8.80 -9.14
CA VAL B 29 -28.83 -8.25 -9.93
C VAL B 29 -28.95 -6.74 -10.13
N TRP B 30 -27.87 -6.02 -9.88
CA TRP B 30 -27.84 -4.58 -10.09
C TRP B 30 -27.21 -4.22 -11.44
N ASP B 31 -26.72 -5.22 -12.15
CA ASP B 31 -26.14 -5.01 -13.48
C ASP B 31 -26.91 -5.81 -14.53
N VAL B 32 -27.59 -5.09 -15.43
CA VAL B 32 -28.46 -5.73 -16.42
C VAL B 32 -27.94 -5.57 -17.84
N ASP B 33 -27.90 -6.67 -18.58
CA ASP B 33 -27.56 -6.64 -20.00
C ASP B 33 -28.78 -6.86 -20.87
N PHE B 34 -29.01 -5.95 -21.81
CA PHE B 34 -30.09 -6.08 -22.78
C PHE B 34 -29.54 -6.33 -24.18
N VAL B 35 -30.01 -7.39 -24.81
CA VAL B 35 -29.76 -7.61 -26.23
C VAL B 35 -30.99 -7.18 -27.01
N VAL B 36 -30.83 -6.18 -27.87
CA VAL B 36 -31.95 -5.64 -28.61
C VAL B 36 -31.82 -5.90 -30.10
N GLU B 37 -32.91 -6.29 -30.74
CA GLU B 37 -32.93 -6.36 -32.19
C GLU B 37 -33.46 -5.04 -32.71
N GLY B 38 -32.56 -4.23 -33.27
CA GLY B 38 -32.89 -2.89 -33.69
C GLY B 38 -31.67 -2.04 -33.38
N ASN B 39 -31.83 -0.73 -33.36
CA ASN B 39 -30.78 0.12 -32.85
C ASN B 39 -30.92 0.24 -31.34
N ALA B 40 -29.93 -0.27 -30.61
CA ALA B 40 -30.00 -0.30 -29.16
C ALA B 40 -29.68 1.06 -28.55
N ILE B 41 -28.85 1.83 -29.25
CA ILE B 41 -28.42 3.13 -28.74
C ILE B 41 -29.58 4.13 -28.76
N GLU B 42 -30.46 4.02 -29.76
CA GLU B 42 -31.65 4.85 -29.82
C GLU B 42 -32.59 4.53 -28.67
N LEU B 43 -32.77 3.23 -28.42
CA LEU B 43 -33.64 2.77 -27.34
C LEU B 43 -33.10 3.25 -26.00
N ALA B 44 -31.77 3.19 -25.85
CA ALA B 44 -31.12 3.61 -24.61
C ALA B 44 -31.22 5.10 -24.40
N LYS B 45 -31.04 5.86 -25.49
CA LYS B 45 -31.15 7.31 -25.41
C LYS B 45 -32.57 7.73 -25.07
N GLU B 46 -33.54 7.04 -25.64
CA GLU B 46 -34.94 7.36 -25.37
C GLU B 46 -35.34 6.97 -23.96
N LEU B 47 -34.79 5.86 -23.46
CA LEU B 47 -35.06 5.41 -22.11
C LEU B 47 -34.47 6.39 -21.10
N ALA B 48 -33.20 6.73 -21.30
CA ALA B 48 -32.49 7.65 -20.43
C ALA B 48 -33.11 9.05 -20.45
N ARG B 49 -33.56 9.46 -21.63
CA ARG B 49 -34.22 10.76 -21.77
C ARG B 49 -35.57 10.76 -21.08
N ARG B 50 -36.29 9.65 -21.22
CA ARG B 50 -37.61 9.50 -20.62
C ARG B 50 -37.49 9.53 -19.10
N HIS B 51 -36.45 8.90 -18.57
CA HIS B 51 -36.17 8.96 -17.14
C HIS B 51 -35.44 10.26 -16.78
N GLY B 52 -34.84 10.90 -17.78
CA GLY B 52 -34.17 12.17 -17.57
C GLY B 52 -32.75 12.02 -17.06
N VAL B 53 -32.18 10.85 -17.24
CA VAL B 53 -30.80 10.60 -16.84
C VAL B 53 -29.88 10.65 -18.04
N ASN B 54 -28.65 11.12 -17.84
CA ASN B 54 -27.68 11.19 -18.92
C ASN B 54 -27.21 9.80 -19.35
N VAL B 55 -27.28 9.53 -20.66
CA VAL B 55 -26.83 8.26 -21.21
C VAL B 55 -25.40 8.40 -21.73
N HIS B 56 -24.57 7.40 -21.44
CA HIS B 56 -23.24 7.33 -22.02
C HIS B 56 -23.26 6.45 -23.25
N PRO B 57 -23.19 7.08 -24.44
CA PRO B 57 -23.26 6.38 -25.72
C PRO B 57 -21.94 5.72 -26.11
N PHE B 58 -22.03 4.64 -26.88
CA PHE B 58 -20.86 3.99 -27.46
C PHE B 58 -21.19 3.51 -28.87
N PRO B 59 -21.20 4.44 -29.84
CA PRO B 59 -21.49 4.12 -31.24
C PRO B 59 -20.41 3.25 -31.85
N GLU B 60 -19.22 3.29 -31.25
CA GLU B 60 -18.10 2.49 -31.70
C GLU B 60 -18.38 1.01 -31.49
N PHE B 61 -18.82 0.67 -30.28
CA PHE B 61 -19.20 -0.70 -29.95
C PHE B 61 -20.60 -1.04 -30.47
N GLY B 62 -21.44 -0.02 -30.60
CA GLY B 62 -22.84 -0.23 -30.96
C GLY B 62 -23.67 -0.48 -29.72
N THR B 63 -23.20 0.04 -28.59
CA THR B 63 -23.82 -0.18 -27.29
C THR B 63 -24.00 1.15 -26.56
N ALA B 64 -24.75 1.12 -25.46
CA ALA B 64 -24.90 2.31 -24.63
C ALA B 64 -25.11 1.92 -23.17
N HIS B 65 -24.62 2.75 -22.26
CA HIS B 65 -24.74 2.47 -20.84
C HIS B 65 -25.44 3.61 -20.10
N LEU B 66 -26.34 3.26 -19.18
CA LEU B 66 -27.00 4.27 -18.36
C LEU B 66 -27.31 3.71 -16.97
N LYS B 67 -27.17 4.55 -15.95
CA LYS B 67 -27.43 4.13 -14.58
C LYS B 67 -28.76 4.67 -14.07
N ILE B 68 -29.60 3.77 -13.60
CA ILE B 68 -30.88 4.16 -13.00
C ILE B 68 -30.91 3.70 -11.54
N GLY B 69 -30.86 4.66 -10.62
CA GLY B 69 -30.70 4.33 -9.21
C GLY B 69 -29.38 3.63 -9.00
N LYS B 70 -29.42 2.43 -8.40
CA LYS B 70 -28.23 1.62 -8.23
C LYS B 70 -28.02 0.70 -9.44
N LEU B 71 -29.02 0.63 -10.31
CA LEU B 71 -28.98 -0.28 -11.46
C LEU B 71 -28.05 0.20 -12.56
N LYS B 72 -27.17 -0.69 -13.01
CA LYS B 72 -26.31 -0.40 -14.16
C LYS B 72 -26.87 -1.09 -15.40
N LEU B 73 -27.40 -0.31 -16.33
CA LEU B 73 -28.05 -0.85 -17.50
C LEU B 73 -27.19 -0.73 -18.74
N GLU B 74 -26.99 -1.86 -19.42
CA GLU B 74 -26.19 -1.89 -20.65
C GLU B 74 -27.02 -2.40 -21.83
N PHE B 75 -27.30 -1.52 -22.77
CA PHE B 75 -28.02 -1.90 -23.99
C PHE B 75 -27.06 -2.19 -25.13
N ALA B 76 -27.25 -3.33 -25.77
CA ALA B 76 -26.40 -3.74 -26.88
C ALA B 76 -27.22 -4.23 -28.07
N THR B 77 -26.85 -3.75 -29.25
CA THR B 77 -27.46 -4.21 -30.48
C THR B 77 -27.06 -5.66 -30.73
N ALA B 78 -28.03 -6.50 -31.11
CA ALA B 78 -27.73 -7.90 -31.42
C ALA B 78 -26.78 -7.97 -32.60
N ARG B 79 -25.67 -8.69 -32.42
CA ARG B 79 -24.60 -8.72 -33.41
C ARG B 79 -24.10 -10.13 -33.71
N ARG B 80 -23.45 -10.28 -34.86
CA ARG B 80 -22.89 -11.56 -35.28
C ARG B 80 -21.41 -11.69 -34.95
N GLU B 81 -20.85 -10.65 -34.33
CA GLU B 81 -19.43 -10.63 -34.00
C GLU B 81 -19.11 -11.50 -32.79
N PRO B 94 -28.76 -6.30 -39.33
CA PRO B 94 -28.72 -6.56 -37.89
C PRO B 94 -28.45 -8.02 -37.58
N ALA B 95 -28.95 -8.50 -36.44
CA ALA B 95 -28.79 -9.90 -36.07
C ALA B 95 -29.96 -10.39 -35.23
N SER B 96 -30.33 -11.66 -35.43
CA SER B 96 -31.35 -12.31 -34.62
C SER B 96 -30.80 -12.63 -33.23
N LEU B 97 -31.71 -12.87 -32.28
CA LEU B 97 -31.32 -13.17 -30.90
C LEU B 97 -30.41 -14.40 -30.83
N LYS B 98 -30.71 -15.43 -31.62
CA LYS B 98 -29.96 -16.67 -31.58
C LYS B 98 -28.50 -16.46 -31.97
N GLU B 99 -28.25 -15.53 -32.89
CA GLU B 99 -26.90 -15.22 -33.34
C GLU B 99 -26.07 -14.60 -32.22
N ASP B 100 -26.65 -13.63 -31.54
CA ASP B 100 -25.96 -12.96 -30.44
C ASP B 100 -25.80 -13.89 -29.24
N LEU B 101 -26.73 -14.84 -29.11
CA LEU B 101 -26.69 -15.78 -28.01
C LEU B 101 -25.68 -16.90 -28.22
N ILE B 102 -25.49 -17.30 -29.48
CA ILE B 102 -24.67 -18.46 -29.78
C ILE B 102 -23.18 -18.16 -29.68
N ARG B 103 -22.82 -16.88 -29.62
CA ARG B 103 -21.40 -16.51 -29.51
C ARG B 103 -20.98 -16.44 -28.04
N ARG B 104 -21.89 -16.81 -27.15
CA ARG B 104 -21.60 -16.82 -25.71
C ARG B 104 -20.76 -18.04 -25.31
N ASP B 105 -20.56 -18.21 -24.01
CA ASP B 105 -19.65 -19.24 -23.51
C ASP B 105 -20.36 -20.55 -23.16
N PHE B 106 -21.22 -20.53 -22.16
CA PHE B 106 -21.82 -21.76 -21.64
C PHE B 106 -23.34 -21.72 -21.67
N THR B 107 -23.95 -22.91 -21.73
CA THR B 107 -25.38 -23.09 -21.94
C THR B 107 -26.24 -22.31 -20.95
N ILE B 108 -25.87 -22.34 -19.67
CA ILE B 108 -26.64 -21.65 -18.64
C ILE B 108 -26.55 -20.13 -18.74
N ASN B 109 -25.52 -19.65 -19.44
CA ASN B 109 -25.38 -18.22 -19.66
C ASN B 109 -25.90 -17.78 -21.03
N ALA B 110 -26.37 -18.75 -21.81
CA ALA B 110 -26.85 -18.49 -23.17
C ALA B 110 -28.36 -18.28 -23.23
N MET B 111 -29.02 -18.25 -22.07
CA MET B 111 -30.46 -18.08 -22.04
C MET B 111 -30.86 -16.61 -22.17
N ALA B 112 -32.16 -16.35 -22.21
CA ALA B 112 -32.67 -14.99 -22.38
C ALA B 112 -34.09 -14.85 -21.82
N ILE B 113 -34.47 -13.62 -21.50
CA ILE B 113 -35.80 -13.32 -20.99
C ILE B 113 -36.45 -12.26 -21.87
N SER B 114 -37.71 -12.45 -22.23
CA SER B 114 -38.40 -11.49 -23.09
C SER B 114 -39.02 -10.34 -22.31
N VAL B 115 -38.56 -9.13 -22.59
CA VAL B 115 -39.14 -7.93 -22.01
C VAL B 115 -40.20 -7.31 -22.94
N ASN B 116 -40.48 -8.02 -24.03
CA ASN B 116 -41.55 -7.62 -24.93
C ASN B 116 -42.90 -7.68 -24.23
N LEU B 117 -43.84 -6.86 -24.66
CA LEU B 117 -45.12 -6.70 -23.97
C LEU B 117 -45.94 -7.99 -23.81
N GLU B 118 -46.42 -8.54 -24.92
CA GLU B 118 -47.41 -9.62 -24.87
C GLU B 118 -46.88 -10.91 -24.22
N ASP B 119 -45.64 -11.27 -24.52
CA ASP B 119 -45.05 -12.52 -24.05
C ASP B 119 -44.25 -12.34 -22.76
N TYR B 120 -44.38 -11.16 -22.14
CA TYR B 120 -43.48 -10.71 -21.08
C TYR B 120 -43.22 -11.74 -19.99
N GLY B 121 -41.94 -11.94 -19.69
CA GLY B 121 -41.52 -12.92 -18.71
C GLY B 121 -41.07 -14.21 -19.36
N THR B 122 -41.12 -14.26 -20.69
CA THR B 122 -40.78 -15.46 -21.44
C THR B 122 -39.29 -15.77 -21.38
N LEU B 123 -38.97 -16.99 -20.96
CA LEU B 123 -37.58 -17.45 -20.92
C LEU B 123 -37.19 -18.07 -22.25
N ILE B 124 -36.09 -17.60 -22.83
CA ILE B 124 -35.65 -18.08 -24.13
C ILE B 124 -34.36 -18.87 -24.05
N ASP B 125 -34.46 -20.18 -24.20
CA ASP B 125 -33.29 -21.05 -24.15
C ASP B 125 -33.24 -22.02 -25.33
N TYR B 126 -32.27 -21.83 -26.22
CA TYR B 126 -32.10 -22.69 -27.38
C TYR B 126 -31.30 -23.95 -27.06
N PHE B 127 -30.23 -23.78 -26.28
CA PHE B 127 -29.22 -24.81 -26.14
C PHE B 127 -29.43 -25.70 -24.92
N GLY B 128 -30.55 -25.49 -24.23
CA GLY B 128 -30.89 -26.34 -23.10
C GLY B 128 -30.11 -25.97 -21.85
N GLY B 129 -29.86 -24.67 -21.69
CA GLY B 129 -29.12 -24.17 -20.55
C GLY B 129 -29.83 -24.42 -19.24
N LEU B 130 -31.16 -24.32 -19.25
CA LEU B 130 -31.95 -24.57 -18.05
C LEU B 130 -31.85 -26.03 -17.63
N ARG B 131 -31.77 -26.91 -18.62
CA ARG B 131 -31.61 -28.35 -18.38
C ARG B 131 -30.29 -28.63 -17.67
N ASP B 132 -29.23 -27.95 -18.09
CA ASP B 132 -27.92 -28.09 -17.47
C ASP B 132 -27.88 -27.40 -16.10
N LEU B 133 -28.71 -26.38 -15.93
CA LEU B 133 -28.86 -25.73 -14.64
C LEU B 133 -29.52 -26.71 -13.68
N LYS B 134 -30.39 -27.55 -14.22
CA LYS B 134 -31.04 -28.61 -13.44
C LYS B 134 -30.08 -29.77 -13.18
N ASP B 135 -29.29 -30.12 -14.19
CA ASP B 135 -28.36 -31.24 -14.10
C ASP B 135 -26.99 -30.83 -13.58
N LYS B 136 -26.85 -29.56 -13.21
CA LYS B 136 -25.60 -29.03 -12.66
C LYS B 136 -24.44 -29.24 -13.63
N VAL B 137 -24.59 -28.73 -14.85
CA VAL B 137 -23.64 -28.97 -15.92
C VAL B 137 -23.13 -27.71 -16.60
N ILE B 138 -21.81 -27.60 -16.75
CA ILE B 138 -21.19 -26.52 -17.53
C ILE B 138 -20.86 -27.03 -18.93
N ARG B 139 -21.49 -26.44 -19.94
CA ARG B 139 -21.37 -26.93 -21.31
C ARG B 139 -21.17 -25.82 -22.34
N VAL B 140 -20.13 -25.94 -23.16
CA VAL B 140 -19.87 -24.98 -24.22
C VAL B 140 -20.89 -25.10 -25.36
N LEU B 141 -21.03 -24.03 -26.13
CA LEU B 141 -21.98 -24.00 -27.23
C LEU B 141 -21.47 -24.73 -28.48
N HIS B 142 -20.21 -24.48 -28.83
CA HIS B 142 -19.61 -25.10 -30.01
C HIS B 142 -18.30 -25.78 -29.63
N PRO B 143 -17.86 -26.77 -30.43
CA PRO B 143 -16.63 -27.51 -30.10
C PRO B 143 -15.38 -26.63 -30.08
N VAL B 144 -15.36 -25.58 -30.88
CA VAL B 144 -14.20 -24.70 -30.97
C VAL B 144 -14.28 -23.54 -29.97
N SER B 145 -15.30 -23.57 -29.12
CA SER B 145 -15.51 -22.52 -28.12
C SER B 145 -14.28 -22.31 -27.24
N PHE B 146 -13.62 -23.40 -26.88
CA PHE B 146 -12.40 -23.32 -26.10
C PHE B 146 -11.20 -22.95 -26.97
N ILE B 147 -11.29 -23.24 -28.26
CA ILE B 147 -10.25 -22.88 -29.21
C ILE B 147 -10.35 -21.40 -29.60
N GLU B 148 -11.58 -20.92 -29.79
CA GLU B 148 -11.82 -19.52 -30.10
C GLU B 148 -11.34 -18.60 -28.98
N ASP B 149 -11.87 -18.83 -27.79
CA ASP B 149 -11.59 -17.96 -26.65
C ASP B 149 -11.14 -18.78 -25.44
N PRO B 150 -9.86 -19.15 -25.40
CA PRO B 150 -9.25 -19.99 -24.36
C PRO B 150 -9.51 -19.50 -22.94
N VAL B 151 -9.70 -18.20 -22.76
CA VAL B 151 -9.99 -17.63 -21.45
C VAL B 151 -11.20 -18.31 -20.81
N ARG B 152 -12.14 -18.73 -21.67
CA ARG B 152 -13.35 -19.41 -21.21
C ARG B 152 -13.04 -20.66 -20.38
N ILE B 153 -11.94 -21.34 -20.71
CA ILE B 153 -11.48 -22.48 -19.94
C ILE B 153 -11.41 -22.13 -18.45
N LEU B 154 -10.81 -20.98 -18.15
CA LEU B 154 -10.77 -20.48 -16.78
C LEU B 154 -12.18 -20.23 -16.27
N ARG B 155 -12.95 -19.48 -17.05
CA ARG B 155 -14.28 -19.03 -16.66
C ARG B 155 -15.14 -20.19 -16.17
N ALA B 156 -15.19 -21.25 -16.99
CA ALA B 156 -15.95 -22.45 -16.66
C ALA B 156 -15.61 -22.91 -15.26
N LEU B 157 -14.32 -23.12 -15.02
CA LEU B 157 -13.84 -23.55 -13.72
C LEU B 157 -14.39 -22.63 -12.65
N ARG B 158 -14.17 -21.32 -12.83
CA ARG B 158 -14.68 -20.33 -11.88
C ARG B 158 -16.17 -20.55 -11.67
N PHE B 159 -16.91 -20.56 -12.78
CA PHE B 159 -18.35 -20.73 -12.72
C PHE B 159 -18.69 -22.03 -12.01
N ALA B 160 -17.98 -23.10 -12.37
CA ALA B 160 -18.18 -24.38 -11.74
C ALA B 160 -17.98 -24.22 -10.24
N GLY B 161 -16.83 -23.65 -9.87
CA GLY B 161 -16.50 -23.41 -8.48
C GLY B 161 -17.60 -22.63 -7.78
N ARG B 162 -18.17 -21.66 -8.49
CA ARG B 162 -19.22 -20.85 -7.91
C ARG B 162 -20.49 -21.66 -7.76
N LEU B 163 -20.84 -22.39 -8.82
CA LEU B 163 -22.16 -23.01 -8.90
C LEU B 163 -22.16 -24.44 -8.40
N ASN B 164 -20.98 -24.95 -8.07
CA ASN B 164 -20.81 -26.34 -7.67
C ASN B 164 -21.37 -27.26 -8.75
N PHE B 165 -20.92 -27.07 -9.98
CA PHE B 165 -21.40 -27.81 -11.14
C PHE B 165 -20.29 -28.67 -11.72
N LYS B 166 -20.69 -29.71 -12.45
CA LYS B 166 -19.74 -30.59 -13.12
C LYS B 166 -19.62 -30.23 -14.59
N LEU B 167 -18.42 -30.34 -15.14
CA LEU B 167 -18.23 -30.19 -16.58
C LEU B 167 -18.76 -31.43 -17.28
N SER B 168 -19.53 -31.25 -18.34
CA SER B 168 -20.03 -32.39 -19.09
C SER B 168 -18.87 -33.13 -19.73
N ARG B 169 -19.06 -34.41 -20.00
CA ARG B 169 -18.00 -35.28 -20.51
C ARG B 169 -17.32 -34.70 -21.74
N SER B 170 -18.11 -34.40 -22.76
CA SER B 170 -17.59 -33.86 -24.00
C SER B 170 -16.90 -32.50 -23.79
N THR B 171 -17.52 -31.65 -22.98
CA THR B 171 -16.96 -30.33 -22.71
C THR B 171 -15.64 -30.44 -21.95
N GLU B 172 -15.58 -31.36 -21.01
CA GLU B 172 -14.36 -31.61 -20.26
C GLU B 172 -13.28 -32.12 -21.20
N LYS B 173 -13.68 -32.96 -22.15
CA LYS B 173 -12.78 -33.45 -23.18
C LYS B 173 -12.16 -32.29 -23.95
N LEU B 174 -13.03 -31.45 -24.50
CA LEU B 174 -12.59 -30.29 -25.30
C LEU B 174 -11.74 -29.34 -24.47
N LEU B 175 -12.02 -29.27 -23.17
CA LEU B 175 -11.27 -28.42 -22.27
C LEU B 175 -9.85 -28.95 -22.10
N LYS B 176 -9.73 -30.24 -21.78
CA LYS B 176 -8.44 -30.87 -21.59
C LYS B 176 -7.61 -30.81 -22.88
N GLN B 177 -8.28 -31.03 -24.01
CA GLN B 177 -7.62 -30.93 -25.31
C GLN B 177 -7.11 -29.51 -25.54
N ALA B 178 -7.95 -28.53 -25.23
CA ALA B 178 -7.60 -27.12 -25.43
C ALA B 178 -6.39 -26.72 -24.58
N VAL B 179 -6.36 -27.22 -23.34
CA VAL B 179 -5.25 -26.92 -22.46
C VAL B 179 -3.97 -27.61 -22.93
N ASN B 180 -4.11 -28.85 -23.38
CA ASN B 180 -2.96 -29.62 -23.84
C ASN B 180 -2.35 -29.04 -25.11
N LEU B 181 -3.17 -28.33 -25.89
CA LEU B 181 -2.69 -27.69 -27.11
C LEU B 181 -1.82 -26.47 -26.81
N GLY B 182 -1.75 -26.10 -25.54
CA GLY B 182 -0.95 -24.97 -25.11
C GLY B 182 -1.55 -23.63 -25.52
N LEU B 183 -2.83 -23.65 -25.90
CA LEU B 183 -3.51 -22.44 -26.33
C LEU B 183 -3.70 -21.48 -25.17
N LEU B 184 -3.69 -22.01 -23.95
CA LEU B 184 -3.82 -21.21 -22.75
C LEU B 184 -2.63 -20.27 -22.61
N LYS B 185 -1.45 -20.78 -22.96
CA LYS B 185 -0.24 -19.96 -22.97
C LYS B 185 -0.23 -19.05 -24.19
N GLU B 186 -0.97 -19.46 -25.22
CA GLU B 186 -1.06 -18.68 -26.46
C GLU B 186 -2.25 -17.72 -26.44
N ALA B 187 -2.94 -17.68 -25.30
CA ALA B 187 -4.05 -16.76 -25.12
C ALA B 187 -3.56 -15.42 -24.57
N PRO B 188 -4.27 -14.32 -24.88
CA PRO B 188 -3.91 -12.98 -24.40
C PRO B 188 -3.76 -12.91 -22.89
N ARG B 189 -2.65 -12.32 -22.43
CA ARG B 189 -2.31 -12.28 -21.01
C ARG B 189 -3.30 -11.47 -20.17
N GLY B 190 -3.80 -10.37 -20.75
CA GLY B 190 -4.67 -9.44 -20.03
C GLY B 190 -5.96 -10.03 -19.51
N ARG B 191 -6.74 -10.64 -20.40
CA ARG B 191 -8.01 -11.23 -20.01
C ARG B 191 -7.80 -12.40 -19.06
N LEU B 192 -6.62 -13.03 -19.14
CA LEU B 192 -6.29 -14.12 -18.25
C LEU B 192 -6.04 -13.62 -16.83
N ILE B 193 -5.19 -12.60 -16.69
CA ILE B 193 -4.92 -12.01 -15.39
C ILE B 193 -6.21 -11.46 -14.79
N ASN B 194 -7.00 -10.80 -15.64
CA ASN B 194 -8.29 -10.26 -15.23
C ASN B 194 -9.20 -11.37 -14.72
N GLU B 195 -9.17 -12.51 -15.41
CA GLU B 195 -10.02 -13.63 -15.05
C GLU B 195 -9.59 -14.25 -13.72
N ILE B 196 -8.28 -14.31 -13.50
CA ILE B 196 -7.75 -14.81 -12.23
C ILE B 196 -8.17 -13.88 -11.10
N LYS B 197 -8.11 -12.58 -11.36
CA LYS B 197 -8.61 -11.59 -10.40
C LYS B 197 -10.07 -11.86 -10.10
N LEU B 198 -10.85 -12.15 -11.14
CA LEU B 198 -12.26 -12.48 -10.98
C LEU B 198 -12.43 -13.74 -10.14
N ALA B 199 -11.45 -14.63 -10.22
CA ALA B 199 -11.49 -15.88 -9.47
C ALA B 199 -11.25 -15.64 -7.98
N LEU B 200 -10.19 -14.89 -7.66
CA LEU B 200 -9.83 -14.67 -6.26
C LEU B 200 -10.91 -13.89 -5.51
N ARG B 201 -11.72 -13.15 -6.25
CA ARG B 201 -12.82 -12.39 -5.66
C ARG B 201 -13.92 -13.30 -5.17
N GLU B 202 -14.01 -14.50 -5.73
CA GLU B 202 -15.02 -15.47 -5.34
C GLU B 202 -14.79 -15.97 -3.91
N ASP B 203 -15.88 -16.32 -3.23
CA ASP B 203 -15.79 -16.93 -1.91
C ASP B 203 -15.70 -18.44 -2.03
N ARG B 204 -15.96 -18.93 -3.24
CA ARG B 204 -15.80 -20.33 -3.59
C ARG B 204 -14.41 -20.56 -4.21
N PHE B 205 -13.59 -19.52 -4.15
CA PHE B 205 -12.28 -19.48 -4.80
C PHE B 205 -11.41 -20.71 -4.54
N LEU B 206 -11.54 -21.31 -3.36
CA LEU B 206 -10.71 -22.48 -3.03
C LEU B 206 -11.05 -23.68 -3.92
N GLU B 207 -12.33 -23.95 -4.12
CA GLU B 207 -12.77 -25.04 -4.99
C GLU B 207 -12.37 -24.77 -6.44
N ILE B 208 -12.42 -23.50 -6.82
CA ILE B 208 -11.96 -23.08 -8.14
C ILE B 208 -10.48 -23.38 -8.29
N LEU B 209 -9.71 -23.12 -7.23
CA LEU B 209 -8.29 -23.43 -7.21
C LEU B 209 -8.05 -24.93 -7.31
N GLU B 210 -8.94 -25.71 -6.71
CA GLU B 210 -8.90 -27.16 -6.85
C GLU B 210 -9.10 -27.56 -8.30
N LEU B 211 -10.01 -26.87 -8.98
CA LEU B 211 -10.22 -27.10 -10.39
C LEU B 211 -9.00 -26.70 -11.21
N TYR B 212 -8.29 -25.66 -10.74
CA TYR B 212 -7.06 -25.21 -11.36
C TYR B 212 -5.97 -26.27 -11.23
N ARG B 213 -5.93 -26.92 -10.07
CA ARG B 213 -4.94 -27.97 -9.81
C ARG B 213 -5.26 -29.21 -10.62
N LYS B 214 -6.54 -29.54 -10.72
CA LYS B 214 -6.96 -30.75 -11.44
C LYS B 214 -6.65 -30.67 -12.92
N TYR B 215 -6.97 -29.53 -13.54
CA TYR B 215 -6.80 -29.38 -14.97
C TYR B 215 -5.49 -28.68 -15.33
N ARG B 216 -4.68 -28.41 -14.32
CA ARG B 216 -3.30 -27.94 -14.50
C ARG B 216 -3.19 -26.67 -15.36
N VAL B 217 -4.05 -25.71 -15.10
CA VAL B 217 -4.01 -24.46 -15.85
C VAL B 217 -2.90 -23.55 -15.33
N LEU B 218 -2.76 -23.48 -14.00
CA LEU B 218 -1.82 -22.55 -13.39
C LEU B 218 -0.36 -22.93 -13.66
N GLU B 219 -0.14 -24.19 -14.05
CA GLU B 219 1.19 -24.64 -14.41
C GLU B 219 1.62 -23.98 -15.72
N GLU B 220 0.73 -23.99 -16.71
CA GLU B 220 1.03 -23.38 -18.01
C GLU B 220 0.86 -21.87 -17.99
N ILE B 221 0.06 -21.36 -17.06
CA ILE B 221 -0.16 -19.92 -16.94
C ILE B 221 1.03 -19.23 -16.27
N ILE B 222 1.27 -19.56 -15.00
CA ILE B 222 2.34 -18.94 -14.23
C ILE B 222 3.67 -19.64 -14.49
N GLU B 223 4.71 -18.84 -14.72
CA GLU B 223 6.04 -19.38 -15.04
C GLU B 223 6.66 -20.05 -13.83
N GLY B 224 7.04 -21.32 -13.99
CA GLY B 224 7.70 -22.08 -12.93
C GLY B 224 6.82 -22.30 -11.71
N PHE B 225 5.65 -22.89 -11.92
CA PHE B 225 4.71 -23.15 -10.83
C PHE B 225 4.44 -24.65 -10.68
N GLN B 226 4.49 -25.13 -9.44
CA GLN B 226 4.24 -26.55 -9.16
C GLN B 226 3.32 -26.73 -7.95
N TRP B 227 2.35 -27.62 -8.10
CA TRP B 227 1.43 -27.95 -7.00
C TRP B 227 2.05 -28.92 -6.00
N ASN B 228 1.57 -28.87 -4.76
CA ASN B 228 1.95 -29.84 -3.73
C ASN B 228 0.86 -29.98 -2.69
N GLU B 229 0.89 -31.08 -1.94
CA GLU B 229 -0.16 -31.40 -0.98
C GLU B 229 -0.10 -30.49 0.25
N LYS B 230 1.12 -30.12 0.65
CA LYS B 230 1.32 -29.29 1.83
C LYS B 230 0.67 -27.92 1.69
N VAL B 231 0.95 -27.24 0.57
CA VAL B 231 0.36 -25.94 0.28
C VAL B 231 -1.16 -26.03 0.22
N LEU B 232 -1.67 -27.10 -0.37
CA LEU B 232 -3.11 -27.33 -0.49
C LEU B 232 -3.80 -27.44 0.88
N GLN B 233 -3.27 -28.32 1.73
CA GLN B 233 -3.82 -28.51 3.07
C GLN B 233 -3.67 -27.23 3.89
N LYS B 234 -2.59 -26.49 3.64
CA LYS B 234 -2.38 -25.21 4.28
C LYS B 234 -3.41 -24.19 3.80
N LEU B 235 -3.92 -24.40 2.59
CA LEU B 235 -4.97 -23.55 2.04
C LEU B 235 -6.30 -23.88 2.68
N TYR B 236 -6.54 -25.15 2.96
CA TYR B 236 -7.75 -25.54 3.68
C TYR B 236 -7.74 -24.99 5.11
N ALA B 237 -6.59 -25.14 5.79
CA ALA B 237 -6.41 -24.58 7.12
C ALA B 237 -6.53 -23.05 7.07
N LEU B 238 -6.10 -22.48 5.96
CA LEU B 238 -6.21 -21.04 5.74
C LEU B 238 -7.68 -20.64 5.63
N ARG B 239 -8.48 -21.50 4.99
CA ARG B 239 -9.91 -21.23 4.90
C ARG B 239 -10.55 -21.35 6.28
N LYS B 240 -10.01 -22.25 7.11
CA LYS B 240 -10.48 -22.36 8.49
C LYS B 240 -10.21 -21.07 9.25
N VAL B 241 -8.97 -20.61 9.21
CA VAL B 241 -8.56 -19.37 9.88
C VAL B 241 -9.35 -18.17 9.39
N VAL B 242 -9.53 -18.08 8.07
CA VAL B 242 -10.27 -16.98 7.46
C VAL B 242 -11.73 -17.01 7.88
N ASP B 243 -12.33 -18.20 7.89
CA ASP B 243 -13.70 -18.36 8.36
C ASP B 243 -13.84 -17.88 9.80
N TRP B 244 -12.92 -18.31 10.65
CA TRP B 244 -12.92 -17.91 12.05
C TRP B 244 -12.82 -16.39 12.22
N HIS B 245 -11.82 -15.79 11.59
CA HIS B 245 -11.58 -14.36 11.69
C HIS B 245 -12.75 -13.53 11.14
N ALA B 246 -13.29 -13.98 10.02
CA ALA B 246 -14.42 -13.29 9.40
C ALA B 246 -15.67 -13.40 10.28
N LEU B 247 -15.79 -14.51 10.99
CA LEU B 247 -16.90 -14.69 11.91
C LEU B 247 -16.73 -13.79 13.14
N GLU B 248 -15.51 -13.67 13.63
CA GLU B 248 -15.23 -12.91 14.85
C GLU B 248 -15.25 -11.40 14.62
N PHE B 249 -14.63 -10.94 13.54
CA PHE B 249 -14.58 -9.50 13.25
C PHE B 249 -15.04 -9.18 11.83
N SER B 250 -16.18 -8.51 11.73
CA SER B 250 -16.78 -8.19 10.44
C SER B 250 -16.15 -6.97 9.77
N GLU B 251 -15.88 -5.94 10.58
CA GLU B 251 -15.38 -4.69 10.04
C GLU B 251 -13.91 -4.78 9.61
N GLU B 252 -13.18 -5.71 10.22
CA GLU B 252 -11.75 -5.87 9.93
C GLU B 252 -11.50 -6.80 8.75
N ARG B 253 -12.58 -7.30 8.16
CA ARG B 253 -12.47 -8.23 7.03
C ARG B 253 -11.71 -7.62 5.85
N ILE B 254 -10.69 -8.34 5.39
CA ILE B 254 -9.93 -7.94 4.22
C ILE B 254 -10.31 -8.84 3.04
N ASP B 255 -9.64 -8.65 1.91
CA ASP B 255 -9.84 -9.55 0.78
C ASP B 255 -8.95 -10.76 0.96
N TYR B 256 -9.58 -11.93 1.10
CA TYR B 256 -8.86 -13.13 1.50
C TYR B 256 -8.33 -13.90 0.29
N GLY B 257 -8.76 -13.51 -0.90
CA GLY B 257 -8.30 -14.15 -2.12
C GLY B 257 -6.80 -13.96 -2.31
N TRP B 258 -6.33 -12.76 -1.99
CA TRP B 258 -4.92 -12.45 -2.10
C TRP B 258 -4.09 -13.33 -1.18
N LEU B 259 -4.69 -13.79 -0.09
CA LEU B 259 -4.01 -14.69 0.84
C LEU B 259 -3.76 -16.05 0.19
N TYR B 260 -4.80 -16.61 -0.44
CA TYR B 260 -4.67 -17.84 -1.20
C TYR B 260 -3.62 -17.65 -2.29
N LEU B 261 -3.63 -16.47 -2.90
CA LEU B 261 -2.65 -16.12 -3.93
C LEU B 261 -1.23 -16.18 -3.38
N LEU B 262 -1.02 -15.66 -2.17
CA LEU B 262 0.30 -15.62 -1.56
C LEU B 262 0.77 -17.02 -1.13
N ILE B 263 -0.17 -17.82 -0.64
CA ILE B 263 0.16 -19.19 -0.25
C ILE B 263 0.52 -20.03 -1.47
N LEU B 264 -0.17 -19.79 -2.59
CA LEU B 264 0.13 -20.50 -3.83
C LEU B 264 1.52 -20.17 -4.36
N ILE B 265 1.90 -18.90 -4.24
CA ILE B 265 3.18 -18.44 -4.76
C ILE B 265 4.29 -18.45 -3.71
N SER B 266 3.97 -18.98 -2.53
CA SER B 266 4.91 -19.03 -1.41
C SER B 266 6.23 -19.71 -1.78
N ASN B 267 6.13 -20.93 -2.32
CA ASN B 267 7.32 -21.68 -2.71
C ASN B 267 8.04 -21.05 -3.90
N LEU B 268 7.29 -20.30 -4.71
CA LEU B 268 7.86 -19.66 -5.88
C LEU B 268 8.82 -18.53 -5.50
N ASP B 269 9.69 -18.17 -6.43
CA ASP B 269 10.70 -17.13 -6.19
C ASP B 269 10.07 -15.79 -5.87
N TYR B 270 10.77 -15.00 -5.05
CA TYR B 270 10.28 -13.68 -4.66
C TYR B 270 10.20 -12.74 -5.85
N GLU B 271 11.11 -12.90 -6.80
CA GLU B 271 11.15 -12.05 -7.98
C GLU B 271 9.94 -12.32 -8.88
N ARG B 272 9.70 -13.59 -9.18
CA ARG B 272 8.57 -13.98 -10.02
C ARG B 272 7.24 -13.66 -9.33
N GLY B 273 7.20 -13.84 -8.02
CA GLY B 273 6.00 -13.55 -7.25
C GLY B 273 5.70 -12.06 -7.22
N LYS B 274 6.73 -11.25 -7.03
CA LYS B 274 6.59 -9.80 -7.00
C LYS B 274 6.18 -9.26 -8.37
N HIS B 275 6.81 -9.80 -9.41
CA HIS B 275 6.47 -9.44 -10.78
C HIS B 275 5.03 -9.82 -11.10
N PHE B 276 4.59 -10.95 -10.57
CA PHE B 276 3.23 -11.42 -10.79
C PHE B 276 2.22 -10.55 -10.03
N LEU B 277 2.61 -10.08 -8.85
CA LEU B 277 1.77 -9.20 -8.06
C LEU B 277 1.66 -7.84 -8.72
N GLU B 278 2.72 -7.40 -9.38
CA GLU B 278 2.69 -6.19 -10.17
C GLU B 278 1.88 -6.42 -11.45
N GLU B 279 1.82 -7.68 -11.86
CA GLU B 279 1.05 -8.07 -13.03
C GLU B 279 -0.43 -8.18 -12.69
N MET B 280 -0.72 -8.47 -11.43
CA MET B 280 -2.10 -8.62 -10.96
C MET B 280 -2.66 -7.30 -10.41
N SER B 281 -1.82 -6.27 -10.38
CA SER B 281 -2.17 -4.98 -9.82
C SER B 281 -2.63 -5.12 -8.36
N ALA B 282 -1.83 -5.81 -7.57
CA ALA B 282 -2.16 -6.10 -6.17
C ALA B 282 -2.16 -4.84 -5.32
N PRO B 283 -3.01 -4.83 -4.28
CA PRO B 283 -3.06 -3.73 -3.29
C PRO B 283 -1.76 -3.62 -2.49
N SER B 284 -1.59 -2.49 -1.80
CA SER B 284 -0.37 -2.23 -1.04
C SER B 284 -0.07 -3.30 0.02
N TRP B 285 -1.08 -3.62 0.83
CA TRP B 285 -0.89 -4.55 1.94
C TRP B 285 -0.49 -5.95 1.48
N VAL B 286 -0.98 -6.36 0.32
CA VAL B 286 -0.65 -7.67 -0.24
C VAL B 286 0.83 -7.75 -0.60
N ARG B 287 1.31 -6.74 -1.32
CA ARG B 287 2.71 -6.69 -1.74
C ARG B 287 3.63 -6.51 -0.53
N GLU B 288 3.16 -5.77 0.47
CA GLU B 288 3.91 -5.60 1.71
C GLU B 288 4.07 -6.93 2.44
N THR B 289 2.97 -7.67 2.55
CA THR B 289 2.98 -8.95 3.23
C THR B 289 3.82 -9.99 2.48
N TYR B 290 3.75 -9.96 1.16
CA TYR B 290 4.55 -10.87 0.35
C TYR B 290 6.03 -10.55 0.47
N LYS B 291 6.35 -9.26 0.47
CA LYS B 291 7.73 -8.80 0.66
C LYS B 291 8.20 -9.18 2.06
N PHE B 292 7.25 -9.31 2.97
CA PHE B 292 7.53 -9.71 4.35
C PHE B 292 7.74 -11.21 4.47
N MET B 293 7.12 -11.98 3.56
CA MET B 293 7.12 -13.44 3.64
C MET B 293 8.41 -14.08 3.14
N LYS B 294 9.05 -13.46 2.15
CA LYS B 294 10.27 -13.99 1.57
C LYS B 294 11.52 -13.44 2.25
N PHE B 295 11.33 -12.53 3.19
CA PHE B 295 12.44 -11.88 3.88
C PHE B 295 12.32 -11.96 5.39
N LYS B 296 11.32 -11.29 5.94
CA LYS B 296 11.21 -11.08 7.38
C LYS B 296 10.35 -12.14 8.09
N LEU B 297 9.88 -13.13 7.33
CA LEU B 297 8.95 -14.12 7.88
C LEU B 297 9.58 -15.06 8.90
N GLY B 298 10.66 -15.72 8.51
CA GLY B 298 11.29 -16.73 9.35
C GLY B 298 11.78 -16.19 10.68
N SER B 299 12.43 -15.03 10.63
CA SER B 299 12.94 -14.38 11.82
C SER B 299 11.82 -14.04 12.79
N LEU B 300 10.73 -13.49 12.27
CA LEU B 300 9.59 -13.11 13.10
C LEU B 300 8.91 -14.33 13.72
N LYS B 301 8.77 -15.40 12.93
CA LYS B 301 8.16 -16.63 13.43
C LYS B 301 9.01 -17.23 14.54
N GLU B 302 10.33 -17.27 14.33
CA GLU B 302 11.24 -17.84 15.30
C GLU B 302 11.28 -17.00 16.58
N GLU B 303 11.22 -15.68 16.43
CA GLU B 303 11.15 -14.78 17.58
C GLU B 303 9.84 -14.99 18.34
N LEU B 304 8.77 -15.28 17.59
CA LEU B 304 7.47 -15.51 18.17
C LEU B 304 7.46 -16.81 18.98
N LYS B 305 8.14 -17.82 18.48
CA LYS B 305 8.27 -19.09 19.18
C LYS B 305 9.03 -18.91 20.49
N LYS B 306 9.98 -17.97 20.48
CA LYS B 306 10.83 -17.74 21.64
C LYS B 306 10.31 -16.59 22.51
N ALA B 307 9.15 -16.05 22.16
CA ALA B 307 8.58 -14.96 22.95
C ALA B 307 8.02 -15.47 24.26
N LYS B 308 8.55 -14.96 25.36
CA LYS B 308 8.18 -15.43 26.69
C LYS B 308 6.90 -14.80 27.25
N GLU B 309 6.74 -13.50 27.07
CA GLU B 309 5.66 -12.77 27.74
C GLU B 309 4.65 -12.18 26.75
N ASN B 310 3.43 -11.97 27.25
CA ASN B 310 2.33 -11.45 26.43
C ASN B 310 2.59 -10.02 25.95
N TYR B 311 3.32 -9.24 26.74
CA TYR B 311 3.65 -7.87 26.35
C TYR B 311 4.57 -7.85 25.14
N GLU B 312 5.52 -8.79 25.10
CA GLU B 312 6.45 -8.90 23.99
C GLU B 312 5.69 -9.33 22.74
N VAL B 313 4.71 -10.20 22.94
CA VAL B 313 3.82 -10.63 21.86
C VAL B 313 3.05 -9.44 21.29
N TYR B 314 2.50 -8.62 22.18
CA TYR B 314 1.78 -7.41 21.80
C TYR B 314 2.70 -6.44 21.04
N ARG B 315 3.95 -6.36 21.49
CA ARG B 315 4.92 -5.48 20.85
C ARG B 315 5.26 -5.96 19.44
N LEU B 316 5.38 -7.27 19.28
CA LEU B 316 5.69 -7.84 17.97
C LEU B 316 4.50 -7.75 17.02
N LEU B 317 3.30 -7.87 17.56
CA LEU B 317 2.09 -7.90 16.73
C LEU B 317 1.40 -6.55 16.57
N LYS B 318 1.95 -5.51 17.22
CA LYS B 318 1.34 -4.19 17.13
C LYS B 318 1.42 -3.55 15.74
N PRO B 319 2.63 -3.45 15.14
CA PRO B 319 2.65 -2.81 13.81
C PRO B 319 2.05 -3.67 12.71
N LEU B 320 2.03 -4.99 12.93
CA LEU B 320 1.63 -5.95 11.90
C LEU B 320 0.21 -5.78 11.41
N HIS B 321 0.02 -6.00 10.11
CA HIS B 321 -1.30 -5.97 9.49
C HIS B 321 -2.10 -7.21 9.86
N THR B 322 -3.42 -7.13 9.69
CA THR B 322 -4.33 -8.24 9.97
C THR B 322 -3.94 -9.51 9.23
N SER B 323 -3.59 -9.37 7.96
CA SER B 323 -3.24 -10.50 7.10
C SER B 323 -2.12 -11.36 7.67
N VAL B 324 -1.07 -10.70 8.18
CA VAL B 324 0.05 -11.40 8.78
C VAL B 324 -0.41 -12.19 10.01
N LEU B 325 -1.24 -11.57 10.83
CA LEU B 325 -1.78 -12.21 12.02
C LEU B 325 -2.61 -13.44 11.64
N LEU B 326 -3.30 -13.37 10.51
CA LEU B 326 -4.09 -14.49 10.03
C LEU B 326 -3.20 -15.60 9.48
N LEU B 327 -2.09 -15.22 8.87
CA LEU B 327 -1.14 -16.20 8.35
C LEU B 327 -0.43 -16.92 9.48
N LEU B 328 -0.24 -16.22 10.60
CA LEU B 328 0.44 -16.80 11.76
C LEU B 328 -0.44 -17.82 12.49
N MET B 329 -1.70 -17.91 12.10
CA MET B 329 -2.61 -18.86 12.74
C MET B 329 -2.60 -20.22 12.03
N LEU B 330 -1.81 -20.33 10.97
CA LEU B 330 -1.63 -21.59 10.28
C LEU B 330 -0.79 -22.53 11.13
N GLU B 331 0.17 -21.96 11.84
CA GLU B 331 0.95 -22.71 12.81
C GLU B 331 0.05 -23.07 13.99
N GLU B 332 0.03 -24.34 14.35
CA GLU B 332 -0.85 -24.82 15.41
C GLU B 332 -0.36 -24.37 16.78
N GLU B 333 0.96 -24.28 16.94
CA GLU B 333 1.55 -23.87 18.21
C GLU B 333 1.50 -22.36 18.38
N LEU B 334 1.47 -21.63 17.27
CA LEU B 334 1.45 -20.17 17.31
C LEU B 334 0.04 -19.60 17.23
N LYS B 335 -0.95 -20.49 17.20
CA LYS B 335 -2.35 -20.09 17.02
C LYS B 335 -2.92 -19.42 18.29
N GLU B 336 -2.62 -20.01 19.44
CA GLU B 336 -3.14 -19.52 20.71
C GLU B 336 -2.58 -18.14 21.06
N LYS B 337 -1.35 -17.88 20.62
CA LYS B 337 -0.72 -16.58 20.85
C LYS B 337 -1.48 -15.48 20.12
N ILE B 338 -1.69 -15.69 18.82
CA ILE B 338 -2.41 -14.74 17.99
C ILE B 338 -3.85 -14.56 18.47
N LYS B 339 -4.49 -15.68 18.83
CA LYS B 339 -5.86 -15.64 19.30
C LYS B 339 -5.97 -14.85 20.61
N LEU B 340 -4.99 -15.05 21.50
CA LEU B 340 -4.94 -14.31 22.76
C LEU B 340 -4.70 -12.83 22.51
N TYR B 341 -3.86 -12.52 21.52
CA TYR B 341 -3.57 -11.15 21.16
C TYR B 341 -4.80 -10.42 20.64
N LEU B 342 -5.54 -11.08 19.74
CA LEU B 342 -6.72 -10.48 19.14
C LEU B 342 -7.86 -10.36 20.14
N GLU B 343 -8.06 -11.40 20.95
CA GLU B 343 -9.18 -11.43 21.88
C GLU B 343 -8.92 -10.68 23.20
N LYS B 344 -7.65 -10.44 23.52
CA LYS B 344 -7.32 -9.80 24.79
C LYS B 344 -6.33 -8.64 24.66
N LEU B 345 -5.10 -8.95 24.27
CA LEU B 345 -3.97 -8.01 24.37
C LEU B 345 -4.18 -6.68 23.64
N ARG B 346 -4.82 -6.71 22.48
CA ARG B 346 -4.98 -5.49 21.70
C ARG B 346 -6.12 -4.62 22.23
N LYS B 347 -6.97 -5.22 23.06
CA LYS B 347 -8.13 -4.51 23.60
C LYS B 347 -7.80 -3.84 24.93
N VAL B 348 -6.53 -3.92 25.33
CA VAL B 348 -6.07 -3.29 26.56
C VAL B 348 -5.86 -1.79 26.35
N LYS B 349 -6.56 -0.98 27.13
CA LYS B 349 -6.49 0.47 27.00
C LYS B 349 -6.22 1.14 28.35
N GLU B 370 6.93 5.58 25.97
CA GLU B 370 7.36 4.24 26.35
C GLU B 370 6.78 3.83 27.70
N ARG B 371 6.55 4.81 28.56
CA ARG B 371 6.04 4.56 29.91
C ARG B 371 4.65 3.92 29.88
N ILE B 372 3.83 4.36 28.94
CA ILE B 372 2.50 3.79 28.76
C ILE B 372 2.61 2.32 28.40
N GLU B 373 3.58 1.99 27.55
CA GLU B 373 3.81 0.60 27.15
C GLU B 373 4.37 -0.21 28.32
N GLU B 374 4.97 0.48 29.29
CA GLU B 374 5.43 -0.18 30.51
C GLU B 374 4.24 -0.48 31.41
N LEU B 375 3.28 0.44 31.45
CA LEU B 375 2.04 0.22 32.18
C LEU B 375 1.28 -0.95 31.60
N LYS B 376 1.12 -0.97 30.28
CA LYS B 376 0.47 -2.07 29.60
C LYS B 376 1.30 -3.34 29.70
N ARG B 377 2.60 -3.19 29.94
CA ARG B 377 3.46 -4.33 30.22
C ARG B 377 3.10 -4.91 31.58
N GLU B 378 2.77 -4.04 32.52
CA GLU B 378 2.31 -4.47 33.83
C GLU B 378 0.96 -5.18 33.71
N ILE B 379 0.09 -4.63 32.86
CA ILE B 379 -1.26 -5.16 32.71
C ILE B 379 -1.34 -6.51 31.98
N MET B 380 -0.73 -6.58 30.80
CA MET B 380 -0.90 -7.72 29.90
C MET B 380 -0.19 -8.99 30.36
N ASN B 381 0.64 -8.88 31.40
CA ASN B 381 1.35 -10.05 31.91
C ASN B 381 0.49 -10.87 32.85
N LYS B 382 -0.73 -10.41 33.09
CA LYS B 382 -1.67 -11.11 33.97
C LYS B 382 -2.82 -11.72 33.17
PG ATP C . 22.26 13.70 12.68
O1G ATP C . 22.71 13.78 14.12
O2G ATP C . 20.95 14.36 12.39
O3G ATP C . 22.42 12.33 12.06
PB ATP C . 24.92 14.33 11.99
O1B ATP C . 25.55 15.47 12.77
O2B ATP C . 25.14 12.90 12.45
O3B ATP C . 23.33 14.60 11.89
PA ATP C . 25.70 13.20 9.52
O1A ATP C . 25.50 13.68 8.10
O2A ATP C . 24.94 12.01 10.04
O3A ATP C . 25.38 14.47 10.46
O5' ATP C . 27.28 12.94 9.71
C5' ATP C . 27.96 13.19 10.94
C4' ATP C . 29.19 14.05 10.68
O4' ATP C . 29.60 13.93 9.32
C3' ATP C . 28.87 15.52 10.90
O3' ATP C . 29.34 15.93 12.20
C2' ATP C . 29.61 16.25 9.80
O2' ATP C . 30.78 16.85 10.34
C1' ATP C . 30.00 15.20 8.79
N9 ATP C . 29.25 15.47 7.53
C8 ATP C . 28.07 14.93 7.20
N7 ATP C . 27.65 15.38 6.00
C5 ATP C . 28.58 16.22 5.53
C6 ATP C . 28.76 17.04 4.30
N6 ATP C . 27.83 17.05 3.32
N1 ATP C . 29.88 17.79 4.21
C2 ATP C . 30.81 17.79 5.18
N3 ATP C . 30.72 17.07 6.32
C4 ATP C . 29.65 16.28 6.55
MG MG D . 24.38 10.85 13.12
PG ATP E . -20.82 -12.85 -13.08
O1G ATP E . -20.42 -11.42 -13.38
O2G ATP E . -19.85 -13.57 -12.17
O3G ATP E . -22.27 -13.02 -12.69
PB ATP E . -21.53 -13.18 -15.78
O1B ATP E . -22.26 -11.89 -15.49
O2B ATP E . -22.31 -14.40 -16.23
O3B ATP E . -20.67 -13.61 -14.49
PA ATP E . -20.05 -11.45 -17.46
O1A ATP E . -20.45 -10.41 -16.44
O2A ATP E . -18.65 -11.52 -17.98
O3A ATP E . -20.37 -12.92 -16.86
O5' ATP E . -21.02 -11.30 -18.74
C5' ATP E . -22.40 -11.65 -18.72
C4' ATP E . -22.68 -12.65 -19.82
O4' ATP E . -21.89 -12.37 -20.99
C3' ATP E . -22.31 -14.06 -19.40
O3' ATP E . -23.46 -14.74 -18.89
C2' ATP E . -21.79 -14.72 -20.66
O2' ATP E . -22.82 -15.51 -21.25
C1' ATP E . -21.44 -13.59 -21.60
N9 ATP E . -19.96 -13.57 -21.74
C8 ATP E . -19.11 -12.80 -21.02
N7 ATP E . -17.83 -13.01 -21.38
C5 ATP E . -17.83 -13.95 -22.35
C6 ATP E . -16.79 -14.64 -23.17
N6 ATP E . -15.48 -14.36 -23.02
N1 ATP E . -17.21 -15.55 -24.07
C2 ATP E . -18.51 -15.83 -24.23
N3 ATP E . -19.50 -15.25 -23.52
C4 ATP E . -19.23 -14.31 -22.58
MG MG F . -23.80 -10.48 -14.80
#